data_4XPQ
#
_entry.id   4XPQ
#
_cell.length_a   112.004
_cell.length_b   112.004
_cell.length_c   114.418
_cell.angle_alpha   90.00
_cell.angle_beta   90.00
_cell.angle_gamma   90.00
#
_symmetry.space_group_name_H-M   'P 43 21 2'
#
loop_
_entity.id
_entity.type
_entity.pdbx_description
1 polymer Alpha-glucosidase
2 non-polymer 2-AMINO-2-HYDROXYMETHYL-PROPANE-1,3-DIOL
3 non-polymer beta-L-fucopyranose
4 non-polymer 1,2-ETHANEDIOL
5 water water
#
_entity_poly.entity_id   1
_entity_poly.type   'polypeptide(L)'
_entity_poly.pdbx_seq_one_letter_code
;MGSSHHHHHHSSGLVPRGSHMASSHAQTANWTEIYPGVWKATVGKPESYDLLKAAGAQPNKDALSKTEKVSFPFANGGVS
LEVSGGKTYLRFPLQKEEQLYGFGLNFQTVHQRGKILELHVDHYGGKDSGRTHAPTPFYVSSNGYGVFINSARYIKVWAG
TGVRKDSENFPTPKDRNTDKTWSSRPYSDAVEILVPAEGVEVYVFGGPKPIDAVKRYNLLNGGGYLPPRWGLGFTQRVMT
RYTDKDVEKEVNDFKEKGYPLDFVGLEPGWQSKAYPGTFSWDKSRYPDPTSFVKKMKDQGIRLNLWINPYISPDAPFYKE
IKPYTGSHTVWLGLVPDFTMAEARKPFFNQLLKDQIERGVSGYKIDEVDGYDYYLWPDAAKFPSGLSAEQMRQTYGLLVQ
RYSAELYKQRNERTFGLVRASNGGGTSFPYVIYNDYYNHQDFITALINSGFAGVLWTPEVRASKSGEEWLRRFQSNVFSP
MAMINAWASGTKPWSYPEVEADVKKFALLRMQMMPYWYSAFARYHFEGMPPFRGMGLEEGFRQDAKVEKLNKVNLEENPY
AEAASKEIKDQYMAGDDLLVAPMFAGEKSRKVVLPKGKWYDFYTGEYAGDGEVLDVTPGLDKIPVYVRDGGIVPMMPALL
NSPKSNQKVDLEIRYYGNKPGEFKLYDDDGETFNYEKGDFSWRTIRVEKDKSGKVKGSISAAVKGKVNTVGKVTFTAMTK
;
_entity_poly.pdbx_strand_id   A
#
# COMPACT_ATOMS: atom_id res chain seq x y z
N SER A 24 -4.81 -17.85 33.69
CA SER A 24 -5.69 -18.04 32.50
CA SER A 24 -5.74 -17.88 32.51
C SER A 24 -7.00 -18.77 32.65
N HIS A 25 -8.14 -18.20 32.26
CA HIS A 25 -9.39 -18.99 32.15
C HIS A 25 -9.75 -19.03 30.67
N ALA A 26 -8.91 -19.74 29.92
CA ALA A 26 -9.00 -19.75 28.48
C ALA A 26 -10.35 -20.35 28.09
N GLN A 27 -11.06 -19.64 27.23
CA GLN A 27 -12.40 -20.05 26.85
C GLN A 27 -12.24 -20.90 25.62
N THR A 28 -13.07 -21.94 25.54
CA THR A 28 -12.90 -22.93 24.51
C THR A 28 -13.50 -22.32 23.24
N ALA A 29 -12.63 -21.93 22.32
CA ALA A 29 -13.05 -21.34 21.05
C ALA A 29 -12.73 -22.35 19.95
N ASN A 30 -13.73 -22.59 19.12
CA ASN A 30 -13.61 -23.52 18.00
C ASN A 30 -13.01 -22.78 16.79
N TRP A 31 -11.91 -23.30 16.26
CA TRP A 31 -11.31 -22.76 15.06
C TRP A 31 -11.96 -23.37 13.82
N THR A 32 -12.84 -22.62 13.17
CA THR A 32 -13.43 -23.08 11.93
C THR A 32 -12.51 -22.79 10.75
N GLU A 33 -12.16 -23.81 10.00
CA GLU A 33 -11.39 -23.64 8.78
C GLU A 33 -12.36 -23.12 7.71
N ILE A 34 -12.33 -21.83 7.45
CA ILE A 34 -13.34 -21.21 6.57
C ILE A 34 -12.92 -21.15 5.11
N TYR A 35 -11.61 -21.21 4.88
CA TYR A 35 -11.01 -21.37 3.56
C TYR A 35 -9.74 -22.18 3.77
N PRO A 36 -9.17 -22.71 2.68
CA PRO A 36 -7.89 -23.40 2.84
C PRO A 36 -6.87 -22.47 3.49
N GLY A 37 -6.28 -22.91 4.60
CA GLY A 37 -5.31 -22.10 5.33
C GLY A 37 -5.86 -20.86 6.01
N VAL A 38 -7.18 -20.78 6.18
CA VAL A 38 -7.78 -19.68 6.95
C VAL A 38 -8.75 -20.23 8.00
N TRP A 39 -8.48 -19.91 9.26
CA TRP A 39 -9.29 -20.35 10.37
C TRP A 39 -9.84 -19.12 11.08
N LYS A 40 -11.08 -19.24 11.54
CA LYS A 40 -11.73 -18.17 12.23
C LYS A 40 -12.12 -18.65 13.61
N ALA A 41 -11.87 -17.82 14.62
CA ALA A 41 -12.38 -18.08 15.96
C ALA A 41 -13.14 -16.87 16.48
N THR A 42 -14.23 -17.15 17.20
CA THR A 42 -15.06 -16.12 17.82
C THR A 42 -14.85 -16.28 19.33
N VAL A 43 -14.31 -15.23 19.96
CA VAL A 43 -14.09 -15.21 21.38
C VAL A 43 -15.16 -14.30 21.97
N GLY A 44 -15.89 -14.80 22.96
CA GLY A 44 -16.93 -14.01 23.61
C GLY A 44 -18.04 -13.54 22.68
N LYS A 45 -18.43 -12.27 22.81
CA LYS A 45 -19.50 -11.69 22.04
C LYS A 45 -18.89 -10.57 21.22
N PRO A 46 -18.50 -10.85 19.97
CA PRO A 46 -17.84 -9.79 19.18
C PRO A 46 -18.77 -8.65 18.88
N GLU A 47 -18.20 -7.47 18.65
CA GLU A 47 -19.02 -6.31 18.41
C GLU A 47 -19.64 -6.36 17.02
N SER A 48 -20.74 -5.61 16.85
CA SER A 48 -21.46 -5.62 15.59
C SER A 48 -20.78 -4.77 14.52
N TYR A 49 -19.81 -3.96 14.91
CA TYR A 49 -18.99 -3.22 13.96
C TYR A 49 -17.55 -3.65 14.16
N ASP A 50 -16.85 -3.80 13.05
CA ASP A 50 -15.47 -4.24 13.07
C ASP A 50 -14.82 -3.84 11.75
N LEU A 51 -13.57 -4.21 11.54
CA LEU A 51 -12.84 -3.71 10.38
C LEU A 51 -13.38 -4.24 9.06
N LEU A 52 -13.64 -5.54 8.99
CA LEU A 52 -14.11 -6.15 7.75
C LEU A 52 -15.50 -5.59 7.39
N LYS A 53 -16.33 -5.35 8.40
CA LYS A 53 -17.67 -4.81 8.19
C LYS A 53 -17.63 -3.37 7.75
N ALA A 54 -16.76 -2.59 8.38
CA ALA A 54 -16.59 -1.22 8.00
C ALA A 54 -16.18 -1.11 6.52
N ALA A 55 -15.23 -1.95 6.12
CA ALA A 55 -14.70 -1.94 4.77
C ALA A 55 -15.66 -2.58 3.76
N GLY A 56 -16.56 -3.43 4.25
CA GLY A 56 -17.44 -4.21 3.38
C GLY A 56 -16.62 -5.17 2.55
N ALA A 57 -15.52 -5.63 3.13
CA ALA A 57 -14.56 -6.48 2.47
C ALA A 57 -15.17 -7.86 2.19
N GLN A 58 -15.23 -8.26 0.93
CA GLN A 58 -15.68 -9.62 0.59
C GLN A 58 -14.49 -10.49 0.18
N PRO A 59 -14.37 -11.69 0.78
CA PRO A 59 -13.25 -12.56 0.46
C PRO A 59 -13.25 -12.98 -1.00
N ASN A 60 -12.05 -13.16 -1.56
CA ASN A 60 -11.96 -13.72 -2.89
C ASN A 60 -11.98 -15.24 -2.72
N LYS A 61 -13.18 -15.79 -2.69
CA LYS A 61 -13.36 -17.21 -2.35
C LYS A 61 -12.68 -18.13 -3.35
N ASP A 62 -12.82 -17.79 -4.62
CA ASP A 62 -12.22 -18.53 -5.71
C ASP A 62 -10.71 -18.62 -5.54
N ALA A 63 -10.07 -17.47 -5.33
CA ALA A 63 -8.61 -17.44 -5.14
C ALA A 63 -8.21 -18.22 -3.90
N LEU A 64 -8.94 -18.05 -2.80
CA LEU A 64 -8.63 -18.76 -1.58
C LEU A 64 -8.76 -20.27 -1.75
N SER A 65 -9.79 -20.70 -2.50
CA SER A 65 -10.03 -22.13 -2.75
C SER A 65 -8.89 -22.84 -3.52
N LYS A 66 -8.07 -22.07 -4.22
CA LYS A 66 -6.95 -22.60 -4.97
C LYS A 66 -5.67 -22.67 -4.16
N THR A 67 -5.68 -22.16 -2.93
CA THR A 67 -4.49 -22.23 -2.11
C THR A 67 -4.42 -23.59 -1.43
N GLU A 68 -3.21 -23.98 -1.06
CA GLU A 68 -2.93 -25.24 -0.41
C GLU A 68 -3.66 -25.36 0.91
N LYS A 69 -4.28 -26.51 1.15
CA LYS A 69 -4.75 -26.84 2.49
C LYS A 69 -3.47 -27.12 3.28
N VAL A 70 -3.29 -26.38 4.36
CA VAL A 70 -2.11 -26.51 5.19
C VAL A 70 -2.62 -26.74 6.59
N SER A 71 -1.74 -27.18 7.45
CA SER A 71 -2.15 -27.52 8.80
C SER A 71 -2.29 -26.24 9.62
N PHE A 72 -3.10 -26.32 10.66
CA PHE A 72 -3.29 -25.21 11.61
C PHE A 72 -1.96 -24.82 12.27
N PRO A 73 -1.58 -23.53 12.20
CA PRO A 73 -0.28 -23.09 12.71
C PRO A 73 0.01 -23.37 14.17
N PHE A 74 -1.01 -23.44 15.01
CA PHE A 74 -0.80 -23.61 16.42
C PHE A 74 -1.14 -25.05 16.74
N ALA A 75 -0.28 -25.95 16.30
CA ALA A 75 -0.54 -27.39 16.33
C ALA A 75 -0.30 -28.01 17.71
N ASN A 76 0.49 -27.33 18.52
CA ASN A 76 0.97 -27.86 19.77
C ASN A 76 0.45 -27.08 20.98
N GLY A 77 -0.71 -26.45 20.80
CA GLY A 77 -1.43 -25.79 21.88
C GLY A 77 -0.89 -24.39 22.15
N GLY A 78 -1.07 -23.93 23.39
CA GLY A 78 -0.51 -22.65 23.84
C GLY A 78 -1.36 -21.45 23.52
N VAL A 79 -2.57 -21.65 22.99
CA VAL A 79 -3.46 -20.53 22.66
C VAL A 79 -4.38 -20.30 23.84
N SER A 80 -4.53 -19.06 24.28
CA SER A 80 -5.39 -18.76 25.42
C SER A 80 -6.17 -17.49 25.16
N LEU A 81 -7.46 -17.65 24.87
CA LEU A 81 -8.36 -16.53 24.55
C LEU A 81 -9.51 -16.47 25.55
N GLU A 82 -9.74 -15.30 26.12
CA GLU A 82 -10.79 -15.20 27.12
C GLU A 82 -11.32 -13.79 27.22
N VAL A 83 -12.52 -13.67 27.78
CA VAL A 83 -13.10 -12.37 28.09
C VAL A 83 -13.16 -12.22 29.60
N SER A 84 -12.70 -11.08 30.10
CA SER A 84 -12.69 -10.85 31.53
C SER A 84 -12.71 -9.35 31.78
N GLY A 85 -13.54 -8.91 32.72
CA GLY A 85 -13.58 -7.51 33.11
C GLY A 85 -13.89 -6.58 31.96
N GLY A 86 -14.76 -7.05 31.05
CA GLY A 86 -15.18 -6.23 29.91
C GLY A 86 -14.20 -6.17 28.74
N LYS A 87 -13.15 -6.97 28.78
CA LYS A 87 -12.11 -6.92 27.76
C LYS A 87 -11.80 -8.31 27.27
N THR A 88 -11.27 -8.39 26.06
CA THR A 88 -10.85 -9.66 25.48
C THR A 88 -9.33 -9.79 25.48
N TYR A 89 -8.86 -10.85 26.14
CA TYR A 89 -7.48 -11.17 26.33
C TYR A 89 -7.10 -12.27 25.35
N LEU A 90 -6.05 -12.04 24.56
CA LEU A 90 -5.57 -13.05 23.63
C LEU A 90 -4.11 -13.37 23.88
N ARG A 91 -3.75 -14.64 23.71
CA ARG A 91 -2.38 -15.08 23.79
C ARG A 91 -2.13 -16.13 22.71
N PHE A 92 -1.08 -15.90 21.93
CA PHE A 92 -0.63 -16.84 20.91
C PHE A 92 0.80 -17.19 21.21
N PRO A 93 1.13 -18.49 21.15
CA PRO A 93 2.47 -18.91 21.51
C PRO A 93 3.50 -18.52 20.48
N LEU A 94 4.74 -18.39 20.96
CA LEU A 94 5.92 -18.22 20.13
C LEU A 94 6.96 -19.30 20.41
N GLN A 95 7.70 -19.68 19.38
CA GLN A 95 8.87 -20.56 19.50
C GLN A 95 10.12 -19.71 19.56
N LYS A 96 11.19 -20.28 20.09
CA LYS A 96 12.47 -19.59 20.17
C LYS A 96 12.96 -19.00 18.86
N GLU A 97 12.80 -19.73 17.76
CA GLU A 97 13.34 -19.26 16.47
C GLU A 97 12.59 -18.04 15.84
N GLU A 98 11.40 -17.75 16.33
CA GLU A 98 10.46 -16.96 15.55
C GLU A 98 10.76 -15.49 15.60
N GLN A 99 10.66 -14.87 14.43
CA GLN A 99 10.63 -13.42 14.33
C GLN A 99 9.26 -13.03 13.77
N LEU A 100 8.82 -11.82 14.09
CA LEU A 100 7.50 -11.35 13.71
C LEU A 100 7.60 -10.07 12.90
N TYR A 101 6.64 -9.89 12.00
CA TYR A 101 6.58 -8.74 11.13
C TYR A 101 5.13 -8.24 11.12
N GLY A 102 4.96 -6.98 10.75
CA GLY A 102 3.62 -6.40 10.61
C GLY A 102 3.27 -5.52 11.78
N PHE A 103 2.05 -5.70 12.27
CA PHE A 103 1.41 -4.77 13.18
C PHE A 103 1.38 -3.39 12.59
N GLY A 104 1.18 -3.32 11.28
CA GLY A 104 0.83 -2.08 10.60
C GLY A 104 2.00 -1.32 10.00
N LEU A 105 1.74 -0.06 9.65
CA LEU A 105 2.68 0.76 8.91
C LEU A 105 3.74 1.42 9.81
N ASN A 106 4.68 0.61 10.27
CA ASN A 106 5.83 1.10 11.02
C ASN A 106 6.83 1.76 10.09
N PHE A 107 7.53 2.77 10.60
CA PHE A 107 8.48 3.55 9.79
C PHE A 107 9.96 3.36 10.16
N GLN A 108 10.23 2.71 11.28
CA GLN A 108 11.61 2.62 11.81
C GLN A 108 12.06 1.24 12.26
N THR A 109 11.16 0.27 12.15
CA THR A 109 11.34 -1.07 12.66
C THR A 109 10.67 -1.99 11.68
N VAL A 110 11.27 -3.16 11.47
CA VAL A 110 10.68 -4.20 10.65
C VAL A 110 10.49 -5.46 11.48
N HIS A 111 11.50 -5.88 12.24
CA HIS A 111 11.32 -6.95 13.24
C HIS A 111 10.48 -6.49 14.40
N GLN A 112 9.38 -7.18 14.67
CA GLN A 112 8.45 -6.76 15.69
C GLN A 112 8.48 -7.60 16.96
N ARG A 113 9.20 -8.71 16.96
CA ARG A 113 9.28 -9.47 18.20
C ARG A 113 9.97 -8.64 19.26
N GLY A 114 9.41 -8.65 20.46
CA GLY A 114 9.91 -7.80 21.54
C GLY A 114 9.38 -6.37 21.56
N LYS A 115 8.46 -6.03 20.64
CA LYS A 115 7.88 -4.69 20.61
C LYS A 115 6.57 -4.65 21.33
N ILE A 116 6.21 -3.46 21.80
CA ILE A 116 4.91 -3.19 22.40
C ILE A 116 4.29 -2.07 21.58
N LEU A 117 3.07 -2.28 21.10
CA LEU A 117 2.44 -1.32 20.20
C LEU A 117 1.00 -1.07 20.59
N GLU A 118 0.57 0.17 20.40
CA GLU A 118 -0.81 0.57 20.62
C GLU A 118 -1.33 0.98 19.26
N LEU A 119 -2.20 0.15 18.71
CA LEU A 119 -2.60 0.28 17.33
C LEU A 119 -3.75 1.29 17.15
N HIS A 120 -3.41 2.58 16.99
CA HIS A 120 -4.35 3.65 16.77
C HIS A 120 -4.04 4.28 15.42
N VAL A 121 -5.07 4.63 14.69
CA VAL A 121 -4.91 5.45 13.50
C VAL A 121 -4.44 6.83 13.95
N ASP A 122 -3.35 7.31 13.35
CA ASP A 122 -2.84 8.66 13.63
C ASP A 122 -1.90 9.02 12.52
N HIS A 123 -1.62 10.30 12.35
CA HIS A 123 -0.47 10.67 11.55
C HIS A 123 0.79 10.17 12.29
N TYR A 124 1.73 9.60 11.56
CA TYR A 124 2.98 9.13 12.14
C TYR A 124 3.60 10.24 12.94
N GLY A 125 4.09 9.89 14.13
CA GLY A 125 4.58 10.88 15.08
C GLY A 125 6.10 10.87 15.28
N GLY A 126 6.84 10.07 14.52
CA GLY A 126 8.30 10.12 14.58
C GLY A 126 8.91 8.97 15.32
N LYS A 127 8.09 8.10 15.90
CA LYS A 127 8.58 6.83 16.42
C LYS A 127 7.51 5.76 16.33
N ASP A 128 7.93 4.50 16.36
CA ASP A 128 7.03 3.37 16.14
C ASP A 128 6.33 2.99 17.44
N SER A 129 5.24 3.66 17.71
CA SER A 129 4.44 3.44 18.91
C SER A 129 3.27 2.50 18.61
N GLY A 130 3.05 2.25 17.33
CA GLY A 130 1.83 1.59 16.86
C GLY A 130 0.84 2.56 16.27
N ARG A 131 1.02 3.86 16.55
CA ARG A 131 0.12 4.89 16.07
C ARG A 131 0.63 5.35 14.73
N THR A 132 -0.18 5.13 13.71
CA THR A 132 0.26 5.34 12.36
C THR A 132 -0.93 5.30 11.43
N HIS A 133 -0.66 5.53 10.16
CA HIS A 133 -1.71 5.73 9.18
C HIS A 133 -2.56 4.51 8.95
N ALA A 134 -1.95 3.33 9.01
CA ALA A 134 -2.66 2.05 8.87
C ALA A 134 -2.11 1.13 9.95
N PRO A 135 -2.73 1.14 11.13
CA PRO A 135 -2.26 0.34 12.26
C PRO A 135 -2.85 -1.09 12.19
N THR A 136 -2.65 -1.73 11.05
CA THR A 136 -3.27 -3.01 10.76
C THR A 136 -2.98 -4.03 11.85
N PRO A 137 -4.05 -4.59 12.44
CA PRO A 137 -3.88 -5.56 13.52
C PRO A 137 -3.67 -6.96 12.97
N PHE A 138 -2.61 -7.08 12.17
CA PHE A 138 -2.23 -8.33 11.52
C PHE A 138 -0.73 -8.49 11.68
N TYR A 139 -0.31 -9.67 12.09
CA TYR A 139 1.12 -9.99 12.14
C TYR A 139 1.41 -11.30 11.47
N VAL A 140 2.66 -11.42 11.04
CA VAL A 140 3.15 -12.56 10.31
C VAL A 140 4.37 -13.06 11.04
N SER A 141 4.49 -14.38 11.16
CA SER A 141 5.67 -15.00 11.69
C SER A 141 6.59 -15.58 10.62
N SER A 142 7.89 -15.54 10.88
CA SER A 142 8.89 -16.23 10.07
C SER A 142 8.66 -17.73 9.99
N ASN A 143 7.86 -18.29 10.91
CA ASN A 143 7.47 -19.71 10.83
C ASN A 143 6.34 -19.98 9.86
N GLY A 144 5.83 -18.95 9.19
CA GLY A 144 4.90 -19.14 8.09
C GLY A 144 3.44 -19.18 8.49
N TYR A 145 3.04 -18.21 9.29
CA TYR A 145 1.64 -18.02 9.58
C TYR A 145 1.38 -16.57 9.89
N GLY A 146 0.10 -16.24 9.96
CA GLY A 146 -0.34 -14.91 10.33
C GLY A 146 -1.58 -14.92 11.20
N VAL A 147 -1.80 -13.81 11.87
CA VAL A 147 -2.91 -13.63 12.82
C VAL A 147 -3.49 -12.24 12.63
N PHE A 148 -4.81 -12.14 12.42
CA PHE A 148 -5.52 -10.89 12.28
C PHE A 148 -6.58 -10.79 13.39
N ILE A 149 -6.57 -9.66 14.08
CA ILE A 149 -7.55 -9.34 15.11
C ILE A 149 -8.58 -8.37 14.53
N ASN A 150 -9.79 -8.85 14.28
CA ASN A 150 -10.79 -8.05 13.59
C ASN A 150 -11.60 -7.18 14.52
N SER A 151 -10.96 -6.10 15.00
CA SER A 151 -11.60 -5.13 15.87
C SER A 151 -11.29 -3.73 15.36
N ALA A 152 -12.30 -2.87 15.35
CA ALA A 152 -12.15 -1.43 15.11
C ALA A 152 -11.86 -0.64 16.37
N ARG A 153 -11.55 -1.32 17.49
CA ARG A 153 -11.12 -0.64 18.69
C ARG A 153 -9.61 -0.38 18.65
N TYR A 154 -9.15 0.47 19.56
CA TYR A 154 -7.72 0.61 19.79
C TYR A 154 -7.27 -0.65 20.55
N ILE A 155 -6.27 -1.35 20.04
CA ILE A 155 -5.81 -2.54 20.70
C ILE A 155 -4.34 -2.40 21.07
N LYS A 156 -3.98 -3.07 22.17
CA LYS A 156 -2.59 -3.07 22.60
C LYS A 156 -2.00 -4.45 22.41
N VAL A 157 -0.77 -4.46 21.89
CA VAL A 157 -0.04 -5.68 21.57
C VAL A 157 1.25 -5.74 22.32
N TRP A 158 1.48 -6.87 23.00
CA TRP A 158 2.78 -7.18 23.60
C TRP A 158 3.36 -8.32 22.78
N ALA A 159 4.23 -8.00 21.84
CA ALA A 159 4.65 -8.99 20.84
C ALA A 159 5.85 -9.79 21.35
N GLY A 160 5.62 -10.56 22.42
CA GLY A 160 6.70 -11.29 23.07
C GLY A 160 7.50 -10.48 24.07
N THR A 161 6.81 -9.83 25.00
CA THR A 161 7.49 -9.18 26.11
C THR A 161 7.07 -9.73 27.45
N GLY A 162 5.86 -10.29 27.56
CA GLY A 162 5.36 -10.80 28.84
C GLY A 162 6.03 -12.12 29.22
N VAL A 163 6.32 -12.27 30.50
CA VAL A 163 6.95 -13.49 31.04
C VAL A 163 6.10 -14.04 32.17
N ARG A 164 5.42 -15.16 31.89
CA ARG A 164 4.42 -15.68 32.80
C ARG A 164 5.03 -16.65 33.79
N LYS A 165 4.61 -16.54 35.04
CA LYS A 165 5.18 -17.38 36.09
C LYS A 165 4.90 -18.87 35.87
N ASP A 166 3.78 -19.18 35.23
CA ASP A 166 3.38 -20.57 34.95
C ASP A 166 3.77 -21.03 33.54
N SER A 167 4.55 -20.24 32.82
CA SER A 167 5.03 -20.64 31.50
C SER A 167 5.94 -21.87 31.59
N GLU A 168 5.85 -22.71 30.56
CA GLU A 168 6.76 -23.85 30.37
C GLU A 168 8.20 -23.31 30.22
N ASN A 169 8.29 -22.12 29.64
CA ASN A 169 9.55 -21.56 29.26
C ASN A 169 9.97 -20.42 30.18
N PHE A 170 9.57 -20.51 31.44
CA PHE A 170 9.92 -19.50 32.42
C PHE A 170 11.41 -19.57 32.69
N PRO A 171 12.15 -18.49 32.37
CA PRO A 171 13.58 -18.51 32.61
C PRO A 171 13.91 -18.58 34.09
N THR A 172 15.02 -19.24 34.41
CA THR A 172 15.45 -19.37 35.79
C THR A 172 15.82 -17.99 36.34
N PRO A 173 15.20 -17.59 37.45
CA PRO A 173 15.58 -16.30 38.03
C PRO A 173 17.06 -16.21 38.37
N LYS A 174 17.65 -15.06 38.07
CA LYS A 174 19.06 -14.83 38.30
C LYS A 174 19.23 -13.66 39.26
N ASP A 175 20.38 -13.64 39.93
CA ASP A 175 20.69 -12.60 40.88
C ASP A 175 21.47 -11.49 40.19
N ARG A 176 20.83 -10.36 39.96
CA ARG A 176 21.52 -9.23 39.30
C ARG A 176 22.75 -8.75 40.07
N ASN A 177 22.78 -8.95 41.39
CA ASN A 177 23.92 -8.52 42.20
C ASN A 177 25.22 -9.21 41.77
N THR A 178 25.11 -10.48 41.35
CA THR A 178 26.31 -11.31 41.15
C THR A 178 26.44 -11.92 39.75
N ASP A 179 25.38 -11.94 38.97
CA ASP A 179 25.34 -12.72 37.75
C ASP A 179 25.40 -11.80 36.56
N LYS A 180 26.55 -11.82 35.87
CA LYS A 180 26.78 -11.04 34.64
C LYS A 180 25.83 -11.36 33.49
N THR A 181 25.17 -12.51 33.54
CA THR A 181 24.27 -12.91 32.46
C THR A 181 22.82 -12.54 32.76
N TRP A 182 22.59 -11.84 33.87
CA TRP A 182 21.26 -11.34 34.22
C TRP A 182 20.73 -10.52 33.04
N SER A 183 19.46 -10.69 32.72
CA SER A 183 18.88 -10.02 31.55
C SER A 183 17.79 -9.05 31.94
N SER A 184 17.83 -7.85 31.38
CA SER A 184 16.80 -6.85 31.65
C SER A 184 15.53 -7.14 30.87
N ARG A 185 15.61 -8.03 29.89
CA ARG A 185 14.47 -8.39 29.05
C ARG A 185 14.43 -9.90 28.90
N PRO A 186 14.01 -10.60 29.97
CA PRO A 186 14.05 -12.06 29.89
C PRO A 186 13.12 -12.65 28.82
N TYR A 187 13.48 -13.87 28.41
CA TYR A 187 12.80 -14.57 27.36
C TYR A 187 11.29 -14.64 27.55
N SER A 188 10.56 -14.24 26.51
CA SER A 188 9.11 -14.26 26.44
C SER A 188 8.65 -15.17 25.31
N ASP A 189 7.65 -15.98 25.61
CA ASP A 189 7.20 -17.06 24.71
C ASP A 189 5.81 -16.87 24.15
N ALA A 190 5.31 -15.63 24.11
CA ALA A 190 3.96 -15.41 23.57
C ALA A 190 3.66 -13.99 23.13
N VAL A 191 2.79 -13.88 22.13
CA VAL A 191 2.19 -12.61 21.73
C VAL A 191 0.92 -12.48 22.56
N GLU A 192 0.78 -11.37 23.28
CA GLU A 192 -0.38 -11.11 24.06
C GLU A 192 -1.04 -9.83 23.58
N ILE A 193 -2.36 -9.86 23.56
CA ILE A 193 -3.13 -8.75 23.00
C ILE A 193 -4.32 -8.48 23.85
N LEU A 194 -4.63 -7.20 24.07
CA LEU A 194 -5.79 -6.79 24.82
C LEU A 194 -6.69 -5.93 23.95
N VAL A 195 -7.94 -6.36 23.83
CA VAL A 195 -8.94 -5.68 23.02
C VAL A 195 -10.04 -5.17 23.97
N PRO A 196 -10.37 -3.87 23.93
CA PRO A 196 -11.38 -3.31 24.84
C PRO A 196 -12.79 -3.55 24.35
N ALA A 197 -13.19 -4.82 24.37
CA ALA A 197 -14.51 -5.23 23.94
C ALA A 197 -14.87 -6.55 24.60
N GLU A 198 -16.16 -6.88 24.60
CA GLU A 198 -16.67 -8.12 25.20
C GLU A 198 -16.47 -9.38 24.32
N GLY A 199 -15.77 -9.21 23.22
CA GLY A 199 -15.39 -10.35 22.40
C GLY A 199 -14.68 -9.86 21.14
N VAL A 200 -14.21 -10.80 20.34
CA VAL A 200 -13.54 -10.46 19.11
C VAL A 200 -13.46 -11.66 18.18
N GLU A 201 -13.44 -11.37 16.88
CA GLU A 201 -13.12 -12.37 15.85
C GLU A 201 -11.63 -12.34 15.61
N VAL A 202 -11.05 -13.53 15.55
CA VAL A 202 -9.64 -13.70 15.24
C VAL A 202 -9.52 -14.59 14.01
N TYR A 203 -8.67 -14.18 13.07
CA TYR A 203 -8.39 -15.02 11.91
C TYR A 203 -6.93 -15.46 11.94
N VAL A 204 -6.70 -16.74 11.69
CA VAL A 204 -5.37 -17.29 11.63
C VAL A 204 -5.13 -17.78 10.21
N PHE A 205 -3.95 -17.47 9.67
CA PHE A 205 -3.60 -17.81 8.29
C PHE A 205 -2.42 -18.75 8.27
N GLY A 206 -2.53 -19.85 7.52
CA GLY A 206 -1.42 -20.77 7.41
C GLY A 206 -0.41 -20.35 6.36
N GLY A 207 0.60 -21.17 6.19
CA GLY A 207 1.73 -20.88 5.31
C GLY A 207 1.69 -21.74 4.06
N PRO A 208 2.74 -22.51 3.81
CA PRO A 208 3.89 -22.77 4.66
C PRO A 208 4.89 -21.64 4.85
N LYS A 209 4.87 -20.63 3.97
CA LYS A 209 5.84 -19.53 4.02
C LYS A 209 5.18 -18.28 4.55
N PRO A 210 5.96 -17.35 5.10
CA PRO A 210 5.38 -16.06 5.54
C PRO A 210 4.54 -15.36 4.46
N ILE A 211 5.02 -15.35 3.22
CA ILE A 211 4.30 -14.69 2.13
C ILE A 211 2.94 -15.34 1.85
N ASP A 212 2.85 -16.63 2.09
CA ASP A 212 1.59 -17.36 1.91
C ASP A 212 0.54 -16.87 2.88
N ALA A 213 0.94 -16.63 4.13
CA ALA A 213 0.04 -16.07 5.13
C ALA A 213 -0.46 -14.68 4.71
N VAL A 214 0.45 -13.84 4.24
CA VAL A 214 0.10 -12.48 3.82
C VAL A 214 -0.87 -12.57 2.66
N LYS A 215 -0.58 -13.46 1.70
CA LYS A 215 -1.46 -13.60 0.53
C LYS A 215 -2.88 -13.98 0.95
N ARG A 216 -3.02 -14.96 1.85
CA ARG A 216 -4.33 -15.40 2.31
C ARG A 216 -5.06 -14.28 3.05
N TYR A 217 -4.33 -13.54 3.87
CA TYR A 217 -4.90 -12.38 4.54
C TYR A 217 -5.44 -11.38 3.51
N ASN A 218 -4.60 -11.02 2.57
CA ASN A 218 -5.00 -10.09 1.54
C ASN A 218 -6.20 -10.58 0.72
N LEU A 219 -6.23 -11.87 0.39
CA LEU A 219 -7.39 -12.45 -0.29
C LEU A 219 -8.66 -12.46 0.56
N LEU A 220 -8.54 -12.67 1.87
CA LEU A 220 -9.70 -12.55 2.75
C LEU A 220 -10.29 -11.16 2.69
N ASN A 221 -9.41 -10.17 2.50
CA ASN A 221 -9.82 -8.78 2.32
C ASN A 221 -10.38 -8.47 0.92
N GLY A 222 -10.34 -9.45 0.01
CA GLY A 222 -10.79 -9.26 -1.37
C GLY A 222 -9.70 -9.12 -2.41
N GLY A 223 -8.45 -9.34 -2.02
CA GLY A 223 -7.30 -9.03 -2.85
C GLY A 223 -7.03 -7.53 -2.93
N GLY A 224 -5.86 -7.17 -3.45
CA GLY A 224 -5.56 -5.80 -3.80
C GLY A 224 -6.50 -5.29 -4.87
N TYR A 225 -6.65 -3.97 -4.95
CA TYR A 225 -7.33 -3.38 -6.09
C TYR A 225 -6.53 -3.64 -7.35
N LEU A 226 -7.22 -3.88 -8.46
CA LEU A 226 -6.59 -3.91 -9.76
C LEU A 226 -6.59 -2.49 -10.28
N PRO A 227 -5.42 -1.83 -10.25
CA PRO A 227 -5.40 -0.44 -10.63
C PRO A 227 -5.59 -0.25 -12.13
N PRO A 228 -6.05 0.93 -12.54
CA PRO A 228 -5.97 1.26 -13.96
C PRO A 228 -4.52 1.46 -14.36
N ARG A 229 -4.19 1.20 -15.62
CA ARG A 229 -2.83 1.45 -16.09
C ARG A 229 -2.42 2.90 -15.85
N TRP A 230 -3.36 3.83 -16.05
CA TRP A 230 -3.07 5.24 -15.85
C TRP A 230 -2.62 5.58 -14.44
N GLY A 231 -3.06 4.80 -13.46
CA GLY A 231 -2.67 5.00 -12.08
C GLY A 231 -1.21 4.68 -11.83
N LEU A 232 -0.61 3.91 -12.72
CA LEU A 232 0.79 3.54 -12.63
C LEU A 232 1.69 4.48 -13.42
N GLY A 233 1.11 5.53 -14.00
CA GLY A 233 1.90 6.54 -14.74
C GLY A 233 2.38 7.59 -13.78
N PHE A 234 2.81 8.73 -14.28
CA PHE A 234 3.33 9.77 -13.41
C PHE A 234 2.24 10.75 -13.00
N THR A 235 2.23 11.15 -11.73
CA THR A 235 1.32 12.20 -11.29
C THR A 235 2.07 13.37 -10.66
N GLN A 236 1.69 14.57 -11.10
CA GLN A 236 2.17 15.82 -10.55
C GLN A 236 1.04 16.50 -9.81
N ARG A 237 1.24 16.77 -8.52
CA ARG A 237 0.31 17.60 -7.76
C ARG A 237 0.83 19.03 -7.80
N VAL A 238 -0.06 19.96 -8.11
CA VAL A 238 0.35 21.35 -8.32
C VAL A 238 -0.02 22.24 -7.15
N MET A 239 0.59 23.43 -7.10
CA MET A 239 0.38 24.34 -5.98
C MET A 239 -1.08 24.70 -5.74
N THR A 240 -1.40 24.86 -4.46
CA THR A 240 -2.73 25.20 -4.01
C THR A 240 -3.34 26.32 -4.84
N ARG A 241 -2.53 27.34 -5.14
CA ARG A 241 -2.98 28.55 -5.86
C ARG A 241 -3.36 28.37 -7.33
N TYR A 242 -2.98 27.25 -7.96
CA TYR A 242 -3.15 27.11 -9.41
C TYR A 242 -4.60 27.26 -9.87
N THR A 243 -4.79 28.01 -10.95
CA THR A 243 -6.09 28.08 -11.63
C THR A 243 -6.14 27.02 -12.71
N ASP A 244 -7.29 26.90 -13.36
CA ASP A 244 -7.42 26.04 -14.51
C ASP A 244 -6.36 26.33 -15.57
N LYS A 245 -6.06 27.61 -15.81
CA LYS A 245 -5.08 27.99 -16.83
C LYS A 245 -3.69 27.60 -16.40
N ASP A 246 -3.42 27.72 -15.11
CA ASP A 246 -2.10 27.37 -14.59
C ASP A 246 -1.88 25.87 -14.79
N VAL A 247 -2.92 25.06 -14.59
CA VAL A 247 -2.83 23.61 -14.81
C VAL A 247 -2.59 23.29 -16.30
N GLU A 248 -3.31 23.97 -17.19
CA GLU A 248 -3.13 23.80 -18.62
C GLU A 248 -1.68 24.08 -19.02
N LYS A 249 -1.12 25.15 -18.48
CA LYS A 249 0.24 25.51 -18.77
C LYS A 249 1.19 24.41 -18.29
N GLU A 250 1.00 23.96 -17.06
CA GLU A 250 1.88 22.95 -16.48
C GLU A 250 1.86 21.71 -17.36
N VAL A 251 0.68 21.30 -17.80
CA VAL A 251 0.55 20.15 -18.72
C VAL A 251 1.33 20.40 -20.02
N ASN A 252 1.18 21.60 -20.58
CA ASN A 252 1.91 21.94 -21.79
C ASN A 252 3.42 21.93 -21.58
N ASP A 253 3.86 22.31 -20.38
CA ASP A 253 5.28 22.30 -20.02
C ASP A 253 5.82 20.86 -19.96
N PHE A 254 5.08 19.95 -19.36
CA PHE A 254 5.48 18.54 -19.37
C PHE A 254 5.63 18.03 -20.81
N LYS A 255 4.66 18.35 -21.65
CA LYS A 255 4.68 17.86 -23.03
C LYS A 255 5.89 18.41 -23.79
N GLU A 256 6.07 19.73 -23.70
CA GLU A 256 7.20 20.41 -24.32
C GLU A 256 8.55 19.87 -23.85
N LYS A 257 8.65 19.52 -22.58
CA LYS A 257 9.91 19.00 -22.04
C LYS A 257 10.08 17.48 -22.21
N GLY A 258 9.03 16.81 -22.69
CA GLY A 258 9.05 15.36 -22.92
C GLY A 258 9.03 14.54 -21.63
N TYR A 259 8.34 15.03 -20.60
CA TYR A 259 8.19 14.26 -19.39
C TYR A 259 6.83 13.57 -19.38
N PRO A 260 6.77 12.31 -18.94
CA PRO A 260 5.50 11.63 -18.78
C PRO A 260 4.57 12.28 -17.78
N LEU A 261 3.28 12.16 -18.04
CA LEU A 261 2.26 12.63 -17.11
C LEU A 261 0.94 11.95 -17.44
N ASP A 262 0.31 11.34 -16.44
CA ASP A 262 -1.01 10.74 -16.64
C ASP A 262 -2.09 11.44 -15.87
N PHE A 263 -1.80 11.86 -14.63
CA PHE A 263 -2.79 12.58 -13.88
C PHE A 263 -2.21 13.70 -13.03
N VAL A 264 -2.97 14.79 -12.96
CA VAL A 264 -2.58 15.96 -12.19
C VAL A 264 -3.41 16.00 -10.94
N GLY A 265 -2.75 16.29 -9.83
CA GLY A 265 -3.41 16.42 -8.56
C GLY A 265 -3.71 17.88 -8.30
N LEU A 266 -4.99 18.18 -8.06
CA LEU A 266 -5.39 19.51 -7.61
C LEU A 266 -5.46 19.51 -6.08
N GLU A 267 -4.93 20.58 -5.51
CA GLU A 267 -4.85 20.74 -4.05
C GLU A 267 -6.05 21.61 -3.63
N PRO A 268 -6.11 22.09 -2.38
CA PRO A 268 -7.42 22.60 -1.92
C PRO A 268 -8.05 23.79 -2.67
N GLY A 269 -7.25 24.52 -3.44
CA GLY A 269 -7.73 25.64 -4.24
C GLY A 269 -8.78 25.33 -5.29
N TRP A 270 -8.98 24.06 -5.65
CA TRP A 270 -10.06 23.75 -6.57
C TRP A 270 -11.42 24.00 -5.95
N GLN A 271 -11.48 23.96 -4.62
CA GLN A 271 -12.75 24.17 -3.92
C GLN A 271 -12.97 25.64 -3.61
N SER A 272 -14.23 26.05 -3.61
CA SER A 272 -14.58 27.44 -3.31
C SER A 272 -14.25 27.84 -1.87
N LYS A 273 -14.30 26.86 -0.98
CA LYS A 273 -13.66 27.00 0.34
C LYS A 273 -13.04 25.66 0.75
N ALA A 274 -11.98 25.75 1.54
CA ALA A 274 -11.30 24.59 2.10
C ALA A 274 -11.03 24.77 3.58
N TYR A 275 -11.04 23.66 4.31
CA TYR A 275 -10.75 23.63 5.74
C TYR A 275 -11.65 24.57 6.54
N PRO A 276 -12.97 24.40 6.46
CA PRO A 276 -13.66 23.27 5.85
C PRO A 276 -14.09 23.49 4.40
N GLY A 277 -14.56 22.42 3.79
CA GLY A 277 -14.76 22.35 2.37
C GLY A 277 -16.18 22.48 1.88
N THR A 278 -16.31 23.02 0.67
CA THR A 278 -17.58 23.10 0.00
C THR A 278 -17.80 21.94 -0.97
N PHE A 279 -16.71 21.27 -1.39
CA PHE A 279 -16.81 20.19 -2.36
C PHE A 279 -17.50 20.70 -3.63
N SER A 280 -17.19 21.94 -3.96
CA SER A 280 -17.74 22.65 -5.10
C SER A 280 -16.61 23.45 -5.74
N TRP A 281 -16.54 23.47 -7.07
CA TRP A 281 -15.44 24.13 -7.77
C TRP A 281 -15.45 25.65 -7.54
N ASP A 282 -14.29 26.20 -7.22
CA ASP A 282 -14.15 27.63 -7.03
C ASP A 282 -14.46 28.34 -8.34
N LYS A 283 -15.34 29.33 -8.28
CA LYS A 283 -15.79 30.02 -9.48
C LYS A 283 -14.69 30.90 -10.09
N SER A 284 -13.81 31.42 -9.25
CA SER A 284 -12.76 32.31 -9.74
C SER A 284 -11.59 31.53 -10.36
N ARG A 285 -11.21 30.41 -9.76
CA ARG A 285 -10.06 29.67 -10.25
C ARG A 285 -10.43 28.58 -11.26
N TYR A 286 -11.64 28.05 -11.17
CA TYR A 286 -12.13 27.00 -12.08
C TYR A 286 -13.52 27.40 -12.56
N PRO A 287 -13.60 28.48 -13.36
CA PRO A 287 -14.89 29.04 -13.77
C PRO A 287 -15.77 28.11 -14.62
N ASP A 288 -15.16 27.17 -15.33
CA ASP A 288 -15.90 26.23 -16.16
C ASP A 288 -15.28 24.82 -15.97
N PRO A 289 -15.64 24.16 -14.86
CA PRO A 289 -15.06 22.85 -14.57
C PRO A 289 -15.31 21.79 -15.64
N THR A 290 -16.50 21.76 -16.22
CA THR A 290 -16.81 20.79 -17.27
C THR A 290 -15.82 20.92 -18.43
N SER A 291 -15.61 22.14 -18.89
CA SER A 291 -14.71 22.38 -20.01
C SER A 291 -13.26 22.04 -19.65
N PHE A 292 -12.83 22.50 -18.48
CA PHE A 292 -11.50 22.22 -17.97
C PHE A 292 -11.20 20.71 -17.89
N VAL A 293 -12.09 19.96 -17.25
CA VAL A 293 -11.85 18.51 -17.07
C VAL A 293 -11.79 17.79 -18.42
N LYS A 294 -12.71 18.15 -19.30
CA LYS A 294 -12.74 17.60 -20.65
C LYS A 294 -11.48 17.95 -21.42
N LYS A 295 -11.08 19.21 -21.36
CA LYS A 295 -9.86 19.67 -22.04
C LYS A 295 -8.64 18.85 -21.60
N MET A 296 -8.50 18.64 -20.30
CA MET A 296 -7.38 17.84 -19.77
C MET A 296 -7.48 16.40 -20.25
N LYS A 297 -8.66 15.82 -20.13
CA LYS A 297 -8.91 14.45 -20.57
C LYS A 297 -8.54 14.30 -22.06
N ASP A 298 -8.91 15.28 -22.87
CA ASP A 298 -8.58 15.24 -24.29
C ASP A 298 -7.06 15.23 -24.53
N GLN A 299 -6.28 15.83 -23.64
CA GLN A 299 -4.81 15.79 -23.73
C GLN A 299 -4.19 14.58 -23.04
N GLY A 300 -5.01 13.62 -22.61
CA GLY A 300 -4.52 12.42 -21.92
C GLY A 300 -4.37 12.61 -20.42
N ILE A 301 -4.80 13.75 -19.89
CA ILE A 301 -4.55 14.10 -18.50
C ILE A 301 -5.80 13.94 -17.62
N ARG A 302 -5.69 13.02 -16.67
CA ARG A 302 -6.71 12.86 -15.66
C ARG A 302 -6.44 13.77 -14.45
N LEU A 303 -7.47 14.00 -13.65
CA LEU A 303 -7.39 14.84 -12.49
C LEU A 303 -7.73 14.06 -11.23
N ASN A 304 -6.95 14.32 -10.20
CA ASN A 304 -7.17 13.73 -8.88
C ASN A 304 -7.36 14.86 -7.89
N LEU A 305 -8.51 14.90 -7.22
CA LEU A 305 -8.86 16.04 -6.38
C LEU A 305 -8.64 15.81 -4.90
N TRP A 306 -7.93 16.76 -4.29
CA TRP A 306 -7.79 16.81 -2.85
C TRP A 306 -9.14 17.04 -2.18
N ILE A 307 -9.42 16.24 -1.15
CA ILE A 307 -10.45 16.56 -0.17
C ILE A 307 -9.98 16.20 1.23
N ASN A 308 -10.48 16.93 2.21
CA ASN A 308 -10.70 16.32 3.51
C ASN A 308 -12.22 16.23 3.67
N PRO A 309 -12.73 15.34 4.55
CA PRO A 309 -14.18 15.12 4.55
C PRO A 309 -14.98 16.07 5.43
N TYR A 310 -14.44 17.24 5.71
CA TYR A 310 -14.99 18.09 6.75
C TYR A 310 -15.76 19.24 6.12
N ILE A 311 -16.99 19.44 6.60
CA ILE A 311 -18.00 20.19 5.83
C ILE A 311 -18.12 21.65 6.24
N SER A 312 -17.98 22.54 5.25
CA SER A 312 -18.26 23.97 5.38
C SER A 312 -19.76 24.31 5.43
N PRO A 313 -20.12 25.36 6.16
CA PRO A 313 -21.52 25.84 6.12
C PRO A 313 -21.92 26.33 4.72
N ASP A 314 -20.95 26.58 3.86
CA ASP A 314 -21.24 26.87 2.45
C ASP A 314 -21.27 25.70 1.48
N ALA A 315 -21.02 24.48 1.97
CA ALA A 315 -21.20 23.30 1.11
C ALA A 315 -22.68 23.23 0.74
N PRO A 316 -22.98 22.86 -0.52
CA PRO A 316 -24.40 22.85 -0.94
C PRO A 316 -25.29 21.87 -0.17
N PHE A 317 -24.70 20.86 0.48
CA PHE A 317 -25.47 19.84 1.18
C PHE A 317 -25.33 19.99 2.71
N TYR A 318 -24.79 21.11 3.16
CA TYR A 318 -24.56 21.37 4.58
C TYR A 318 -25.78 21.15 5.45
N LYS A 319 -26.88 21.82 5.11
CA LYS A 319 -28.08 21.72 5.94
C LYS A 319 -28.60 20.29 5.98
N GLU A 320 -28.61 19.62 4.83
CA GLU A 320 -29.10 18.25 4.77
C GLU A 320 -28.23 17.30 5.64
N ILE A 321 -26.92 17.46 5.61
CA ILE A 321 -26.02 16.49 6.23
C ILE A 321 -25.79 16.77 7.72
N LYS A 322 -26.02 18.01 8.13
CA LYS A 322 -25.71 18.45 9.49
C LYS A 322 -26.20 17.53 10.62
N PRO A 323 -27.46 17.06 10.57
CA PRO A 323 -27.91 16.15 11.63
C PRO A 323 -27.14 14.83 11.70
N TYR A 324 -26.47 14.45 10.61
CA TYR A 324 -25.77 13.18 10.53
C TYR A 324 -24.27 13.39 10.61
N THR A 325 -23.87 14.36 11.43
CA THR A 325 -22.47 14.64 11.67
C THR A 325 -22.18 14.49 13.16
N GLY A 326 -20.93 14.25 13.49
CA GLY A 326 -20.56 14.16 14.89
C GLY A 326 -20.64 15.44 15.71
N SER A 327 -20.46 15.27 17.01
CA SER A 327 -20.48 16.38 17.97
C SER A 327 -19.33 17.37 17.77
N HIS A 328 -18.19 16.87 17.28
CA HIS A 328 -16.97 17.64 17.19
C HIS A 328 -16.55 17.88 15.75
N THR A 329 -15.84 18.99 15.55
CA THR A 329 -15.43 19.43 14.26
C THR A 329 -13.93 19.27 14.06
N VAL A 330 -13.52 19.26 12.81
CA VAL A 330 -12.09 19.23 12.44
C VAL A 330 -11.84 20.44 11.55
N TRP A 331 -10.97 21.34 12.04
CA TRP A 331 -10.76 22.66 11.46
C TRP A 331 -12.10 23.34 11.14
N LEU A 332 -13.03 23.27 12.10
CA LEU A 332 -14.32 23.95 12.02
C LEU A 332 -15.28 23.36 11.00
N GLY A 333 -14.94 22.19 10.47
CA GLY A 333 -15.81 21.44 9.57
C GLY A 333 -16.56 20.33 10.27
N LEU A 334 -17.79 20.11 9.86
CA LEU A 334 -18.55 19.00 10.41
C LEU A 334 -17.93 17.68 9.94
N VAL A 335 -18.08 16.65 10.75
CA VAL A 335 -17.55 15.32 10.48
C VAL A 335 -18.72 14.40 10.17
N PRO A 336 -18.90 14.02 8.89
CA PRO A 336 -20.05 13.15 8.59
C PRO A 336 -19.91 11.78 9.19
N ASP A 337 -21.01 11.24 9.69
CA ASP A 337 -21.05 9.87 10.13
C ASP A 337 -21.33 8.99 8.91
N PHE A 338 -20.26 8.52 8.29
CA PHE A 338 -20.36 7.76 7.07
C PHE A 338 -20.88 6.34 7.24
N THR A 339 -21.13 5.91 8.48
CA THR A 339 -21.87 4.67 8.71
C THR A 339 -23.37 4.85 8.48
N MET A 340 -23.82 6.09 8.34
CA MET A 340 -25.24 6.40 8.07
C MET A 340 -25.48 6.73 6.61
N ALA A 341 -26.48 6.06 6.02
CA ALA A 341 -26.90 6.35 4.65
C ALA A 341 -27.24 7.84 4.51
N GLU A 342 -27.80 8.42 5.57
CA GLU A 342 -28.26 9.80 5.54
C GLU A 342 -27.13 10.79 5.42
N ALA A 343 -25.93 10.40 5.84
CA ALA A 343 -24.73 11.23 5.62
C ALA A 343 -24.06 10.93 4.29
N ARG A 344 -23.98 9.64 3.95
CA ARG A 344 -23.35 9.24 2.71
C ARG A 344 -24.05 9.83 1.48
N LYS A 345 -25.38 9.81 1.46
CA LYS A 345 -26.11 10.21 0.25
C LYS A 345 -25.76 11.62 -0.16
N PRO A 346 -25.94 12.60 0.74
CA PRO A 346 -25.61 13.95 0.31
C PRO A 346 -24.13 14.17 -0.07
N PHE A 347 -23.25 13.60 0.74
CA PHE A 347 -21.81 13.81 0.55
C PHE A 347 -21.35 13.23 -0.79
N PHE A 348 -21.59 11.94 -0.98
CA PHE A 348 -21.17 11.23 -2.18
C PHE A 348 -21.95 11.64 -3.44
N ASN A 349 -23.20 12.05 -3.27
CA ASN A 349 -23.96 12.63 -4.38
C ASN A 349 -23.26 13.87 -4.94
N GLN A 350 -22.77 14.74 -4.05
CA GLN A 350 -22.06 15.93 -4.48
C GLN A 350 -20.79 15.57 -5.24
N LEU A 351 -19.97 14.66 -4.71
CA LEU A 351 -18.80 14.22 -5.48
C LEU A 351 -19.16 13.67 -6.86
N LEU A 352 -20.16 12.81 -6.88
CA LEU A 352 -20.61 12.20 -8.13
C LEU A 352 -21.07 13.28 -9.12
N LYS A 353 -22.03 14.10 -8.74
CA LYS A 353 -22.65 15.02 -9.70
C LYS A 353 -21.75 16.18 -10.08
N ASP A 354 -20.99 16.70 -9.12
CA ASP A 354 -20.17 17.89 -9.36
C ASP A 354 -18.75 17.63 -9.91
N GLN A 355 -18.23 16.41 -9.72
CA GLN A 355 -16.85 16.08 -10.12
C GLN A 355 -16.72 14.84 -10.99
N ILE A 356 -17.17 13.70 -10.45
CA ILE A 356 -16.99 12.43 -11.12
C ILE A 356 -17.72 12.44 -12.46
N GLU A 357 -18.95 12.96 -12.49
CA GLU A 357 -19.70 13.01 -13.75
C GLU A 357 -19.13 14.02 -14.76
N ARG A 358 -18.32 14.96 -14.31
CA ARG A 358 -17.56 15.82 -15.23
C ARG A 358 -16.27 15.17 -15.78
N GLY A 359 -15.88 14.03 -15.21
CA GLY A 359 -14.73 13.28 -15.69
C GLY A 359 -13.58 13.14 -14.69
N VAL A 360 -13.72 13.69 -13.49
CA VAL A 360 -12.66 13.61 -12.47
C VAL A 360 -12.34 12.15 -12.15
N SER A 361 -11.06 11.81 -12.16
CA SER A 361 -10.61 10.42 -12.10
C SER A 361 -10.49 9.80 -10.71
N GLY A 362 -10.32 10.65 -9.69
CA GLY A 362 -10.20 10.17 -8.34
C GLY A 362 -9.86 11.26 -7.36
N TYR A 363 -9.60 10.82 -6.12
CA TYR A 363 -9.42 11.72 -4.99
C TYR A 363 -8.16 11.46 -4.19
N LYS A 364 -7.75 12.47 -3.46
CA LYS A 364 -6.73 12.36 -2.45
C LYS A 364 -7.47 12.69 -1.15
N ILE A 365 -7.62 11.68 -0.31
CA ILE A 365 -8.44 11.77 0.90
C ILE A 365 -7.50 12.09 2.05
N ASP A 366 -7.44 13.37 2.40
CA ASP A 366 -6.45 13.87 3.35
C ASP A 366 -7.01 13.93 4.76
N GLU A 367 -6.12 13.85 5.75
CA GLU A 367 -6.44 14.28 7.11
C GLU A 367 -7.58 13.47 7.76
N VAL A 368 -7.57 12.17 7.46
CA VAL A 368 -8.47 11.19 8.08
C VAL A 368 -7.71 10.33 9.10
N ASP A 369 -6.53 10.81 9.48
CA ASP A 369 -5.61 10.12 10.40
C ASP A 369 -5.41 10.81 11.76
N GLY A 370 -5.01 12.07 11.76
CA GLY A 370 -4.57 12.77 12.97
C GLY A 370 -3.82 14.04 12.61
N TYR A 371 -3.13 14.69 13.53
CA TYR A 371 -2.94 14.27 14.92
C TYR A 371 -4.21 14.38 15.78
N ASP A 372 -4.11 13.92 17.02
CA ASP A 372 -5.24 13.93 17.96
C ASP A 372 -5.72 15.36 18.24
N TYR A 373 -4.80 16.32 18.13
CA TYR A 373 -5.20 17.69 18.40
CA TYR A 373 -5.05 17.75 18.32
C TYR A 373 -5.94 18.33 17.23
N TYR A 374 -6.02 17.66 16.10
CA TYR A 374 -6.80 18.14 14.96
C TYR A 374 -8.09 17.37 14.84
N LEU A 375 -8.00 16.05 14.86
CA LEU A 375 -9.19 15.24 14.71
C LEU A 375 -10.04 15.26 15.97
N TRP A 376 -11.21 14.69 15.87
CA TRP A 376 -12.15 14.67 16.96
C TRP A 376 -11.60 13.86 18.13
N PRO A 377 -11.86 14.31 19.36
CA PRO A 377 -11.52 13.50 20.52
C PRO A 377 -12.31 12.22 20.56
N ASP A 378 -11.80 11.22 21.26
CA ASP A 378 -12.57 10.01 21.52
C ASP A 378 -13.82 10.29 22.35
N ALA A 379 -13.86 11.42 23.04
CA ALA A 379 -15.03 11.87 23.81
C ALA A 379 -16.14 12.41 22.92
N ALA A 380 -15.86 12.58 21.63
CA ALA A 380 -16.90 12.97 20.67
C ALA A 380 -17.97 11.90 20.56
N LYS A 381 -19.15 12.32 20.16
CA LYS A 381 -20.26 11.41 19.94
C LYS A 381 -20.75 11.48 18.52
N PHE A 382 -21.11 10.34 17.96
CA PHE A 382 -21.60 10.25 16.59
C PHE A 382 -23.05 9.84 16.54
N PRO A 383 -23.78 10.33 15.53
CA PRO A 383 -25.24 10.07 15.50
C PRO A 383 -25.66 8.60 15.32
N SER A 384 -24.80 7.77 14.73
CA SER A 384 -25.11 6.37 14.55
C SER A 384 -25.04 5.62 15.87
N GLY A 385 -24.41 6.26 16.86
CA GLY A 385 -24.10 5.63 18.12
C GLY A 385 -22.75 4.93 18.10
N LEU A 386 -22.07 4.91 16.95
CA LEU A 386 -20.75 4.28 16.91
C LEU A 386 -19.79 5.10 17.76
N SER A 387 -18.97 4.45 18.56
CA SER A 387 -17.96 5.14 19.32
C SER A 387 -17.05 5.97 18.43
N ALA A 388 -16.62 7.10 18.96
CA ALA A 388 -15.63 7.95 18.27
C ALA A 388 -14.31 7.19 18.03
N GLU A 389 -13.97 6.28 18.94
CA GLU A 389 -12.81 5.39 18.80
C GLU A 389 -12.91 4.51 17.52
N GLN A 390 -14.01 3.80 17.37
CA GLN A 390 -14.17 2.94 16.18
C GLN A 390 -14.30 3.79 14.91
N MET A 391 -14.91 4.98 15.03
CA MET A 391 -14.95 5.92 13.92
C MET A 391 -13.52 6.33 13.49
N ARG A 392 -12.68 6.68 14.46
CA ARG A 392 -11.28 7.05 14.19
C ARG A 392 -10.54 5.92 13.48
N GLN A 393 -10.76 4.71 13.95
CA GLN A 393 -10.06 3.53 13.39
C GLN A 393 -10.48 3.17 11.97
N THR A 394 -11.67 3.60 11.58
CA THR A 394 -12.26 3.19 10.31
C THR A 394 -12.62 4.33 9.35
N TYR A 395 -12.38 5.58 9.74
CA TYR A 395 -12.88 6.71 8.93
C TYR A 395 -12.27 6.67 7.53
N GLY A 396 -10.96 6.43 7.48
CA GLY A 396 -10.27 6.29 6.20
C GLY A 396 -10.84 5.12 5.39
N LEU A 397 -11.07 3.99 6.03
CA LEU A 397 -11.71 2.86 5.34
C LEU A 397 -13.08 3.27 4.71
N LEU A 398 -13.87 4.02 5.47
CA LEU A 398 -15.21 4.37 5.03
C LEU A 398 -15.16 5.28 3.84
N VAL A 399 -14.27 6.28 3.87
CA VAL A 399 -14.23 7.21 2.75
C VAL A 399 -13.69 6.53 1.50
N GLN A 400 -12.69 5.66 1.69
CA GLN A 400 -12.19 4.84 0.60
C GLN A 400 -13.29 3.99 -0.01
N ARG A 401 -14.04 3.31 0.87
CA ARG A 401 -15.06 2.38 0.45
C ARG A 401 -16.11 3.03 -0.44
N TYR A 402 -16.68 4.13 0.06
CA TYR A 402 -17.84 4.69 -0.59
C TYR A 402 -17.45 5.53 -1.79
N SER A 403 -16.26 6.15 -1.74
CA SER A 403 -15.77 6.83 -2.95
C SER A 403 -15.45 5.84 -4.09
N ALA A 404 -14.82 4.72 -3.75
CA ALA A 404 -14.49 3.70 -4.75
C ALA A 404 -15.75 3.14 -5.42
N GLU A 405 -16.79 2.98 -4.63
CA GLU A 405 -18.03 2.40 -5.11
C GLU A 405 -18.67 3.28 -6.19
N LEU A 406 -18.55 4.60 -6.06
CA LEU A 406 -19.04 5.52 -7.08
C LEU A 406 -18.47 5.25 -8.47
N TYR A 407 -17.18 4.95 -8.49
CA TYR A 407 -16.49 4.61 -9.72
C TYR A 407 -16.85 3.21 -10.22
N LYS A 408 -16.94 2.25 -9.31
CA LYS A 408 -17.28 0.88 -9.73
C LYS A 408 -18.68 0.85 -10.35
N GLN A 409 -19.58 1.61 -9.76
CA GLN A 409 -20.94 1.75 -10.27
C GLN A 409 -20.97 2.27 -11.71
N ARG A 410 -19.95 3.02 -12.09
CA ARG A 410 -19.81 3.51 -13.44
C ARG A 410 -18.91 2.65 -14.33
N ASN A 411 -18.53 1.47 -13.86
CA ASN A 411 -17.64 0.59 -14.62
C ASN A 411 -16.32 1.28 -15.00
N GLU A 412 -15.83 2.14 -14.09
CA GLU A 412 -14.58 2.87 -14.26
C GLU A 412 -13.68 2.66 -13.04
N ARG A 413 -12.44 2.21 -13.25
CA ARG A 413 -11.47 2.16 -12.17
C ARG A 413 -11.08 3.56 -11.72
N THR A 414 -10.68 3.68 -10.47
CA THR A 414 -10.03 4.89 -9.97
C THR A 414 -8.70 4.45 -9.33
N PHE A 415 -7.93 5.44 -8.93
CA PHE A 415 -6.69 5.21 -8.21
C PHE A 415 -6.38 6.53 -7.54
N GLY A 416 -6.17 6.50 -6.24
CA GLY A 416 -5.95 7.72 -5.51
C GLY A 416 -5.09 7.56 -4.29
N LEU A 417 -5.22 8.55 -3.43
CA LEU A 417 -4.39 8.71 -2.24
C LEU A 417 -5.25 8.80 -1.01
N VAL A 418 -4.75 8.28 0.11
CA VAL A 418 -5.47 8.36 1.37
C VAL A 418 -4.50 8.44 2.53
N ARG A 419 -4.79 9.24 3.56
CA ARG A 419 -3.84 9.37 4.65
C ARG A 419 -4.12 8.45 5.84
N ALA A 420 -5.16 7.62 5.78
CA ALA A 420 -5.39 6.58 6.79
C ALA A 420 -6.03 5.36 6.19
N SER A 421 -5.65 4.18 6.68
CA SER A 421 -6.37 2.96 6.34
C SER A 421 -6.27 2.01 7.51
N ASN A 422 -6.63 0.75 7.31
CA ASN A 422 -6.56 -0.21 8.37
C ASN A 422 -6.73 -1.61 7.81
N GLY A 423 -6.72 -2.61 8.67
CA GLY A 423 -7.16 -3.93 8.29
C GLY A 423 -8.52 -3.84 7.64
N GLY A 424 -8.79 -4.73 6.68
CA GLY A 424 -10.00 -4.62 5.87
C GLY A 424 -9.86 -3.77 4.62
N GLY A 425 -8.74 -3.08 4.45
CA GLY A 425 -8.60 -2.10 3.38
C GLY A 425 -7.77 -2.54 2.18
N THR A 426 -7.38 -3.82 2.13
CA THR A 426 -6.53 -4.26 1.05
C THR A 426 -7.08 -3.93 -0.32
N SER A 427 -8.39 -4.07 -0.47
CA SER A 427 -8.98 -4.01 -1.81
C SER A 427 -9.26 -2.63 -2.34
N PHE A 428 -8.92 -1.60 -1.59
CA PHE A 428 -9.28 -0.25 -1.99
C PHE A 428 -8.23 0.38 -2.91
N PRO A 429 -8.70 1.21 -3.85
CA PRO A 429 -7.85 1.84 -4.87
C PRO A 429 -7.10 3.06 -4.36
N TYR A 430 -6.46 2.93 -3.20
CA TYR A 430 -5.80 4.07 -2.57
C TYR A 430 -4.41 3.69 -2.08
N VAL A 431 -3.52 4.67 -2.14
CA VAL A 431 -2.15 4.56 -1.72
C VAL A 431 -1.93 5.56 -0.58
N ILE A 432 -1.26 5.13 0.47
CA ILE A 432 -1.03 5.98 1.63
C ILE A 432 0.20 6.84 1.37
N TYR A 433 0.16 8.04 1.92
CA TYR A 433 1.24 9.00 1.83
C TYR A 433 1.21 9.74 3.16
N ASN A 434 2.21 10.58 3.45
CA ASN A 434 2.06 11.45 4.60
C ASN A 434 2.90 12.72 4.52
N ASP A 435 2.84 13.51 5.59
CA ASP A 435 3.51 14.81 5.71
C ASP A 435 4.87 14.69 6.36
N TYR A 436 5.25 13.48 6.76
CA TYR A 436 6.58 13.17 7.27
C TYR A 436 7.52 13.18 6.07
N TYR A 437 8.82 13.08 6.28
CA TYR A 437 9.70 13.11 5.11
C TYR A 437 11.05 12.40 5.21
N ASN A 438 11.37 11.78 6.35
CA ASN A 438 12.64 11.08 6.47
C ASN A 438 12.74 9.96 5.41
N HIS A 439 13.73 10.06 4.54
CA HIS A 439 13.76 9.17 3.36
C HIS A 439 13.98 7.72 3.76
N GLN A 440 14.91 7.49 4.66
CA GLN A 440 15.14 6.13 5.18
C GLN A 440 13.85 5.52 5.71
N ASP A 441 13.11 6.29 6.50
CA ASP A 441 11.90 5.80 7.12
C ASP A 441 10.80 5.60 6.07
N PHE A 442 10.77 6.45 5.06
CA PHE A 442 9.88 6.27 3.92
C PHE A 442 10.10 4.91 3.23
N ILE A 443 11.33 4.42 3.20
CA ILE A 443 11.62 3.11 2.59
C ILE A 443 11.19 2.00 3.55
N THR A 444 11.42 2.19 4.83
CA THR A 444 11.01 1.21 5.83
C THR A 444 9.46 1.06 5.79
N ALA A 445 8.75 2.16 5.66
CA ALA A 445 7.28 2.12 5.54
C ALA A 445 6.88 1.35 4.27
N LEU A 446 7.63 1.55 3.18
CA LEU A 446 7.35 0.82 1.96
C LEU A 446 7.48 -0.68 2.22
N ILE A 447 8.55 -1.08 2.92
CA ILE A 447 8.72 -2.48 3.31
C ILE A 447 7.52 -2.98 4.14
N ASN A 448 7.14 -2.20 5.14
CA ASN A 448 6.13 -2.64 6.06
C ASN A 448 4.74 -2.64 5.45
N SER A 449 4.52 -1.84 4.41
CA SER A 449 3.23 -1.85 3.74
C SER A 449 2.88 -3.25 3.21
N GLY A 450 3.89 -4.00 2.77
CA GLY A 450 3.72 -5.38 2.34
C GLY A 450 3.21 -6.33 3.44
N PHE A 451 3.50 -6.01 4.69
CA PHE A 451 2.98 -6.79 5.82
C PHE A 451 1.65 -6.27 6.34
N ALA A 452 1.15 -5.16 5.81
CA ALA A 452 0.03 -4.43 6.40
C ALA A 452 -1.23 -4.37 5.54
N GLY A 453 -1.19 -4.99 4.35
CA GLY A 453 -2.38 -5.02 3.49
C GLY A 453 -2.77 -3.65 2.98
N VAL A 454 -1.78 -2.78 2.79
CA VAL A 454 -1.98 -1.43 2.27
C VAL A 454 -0.82 -1.09 1.32
N LEU A 455 -1.05 -0.08 0.51
CA LEU A 455 -0.05 0.46 -0.40
C LEU A 455 0.46 1.77 0.19
N TRP A 456 1.75 2.04 -0.01
CA TRP A 456 2.40 3.24 0.51
C TRP A 456 3.30 3.80 -0.58
N THR A 457 3.25 5.11 -0.79
CA THR A 457 4.21 5.76 -1.68
C THR A 457 5.15 6.71 -0.92
N PRO A 458 6.46 6.53 -1.12
CA PRO A 458 7.42 7.50 -0.60
C PRO A 458 7.46 8.70 -1.55
N GLU A 459 6.56 9.65 -1.34
CA GLU A 459 6.34 10.72 -2.32
C GLU A 459 7.49 11.69 -2.35
N VAL A 460 7.63 12.39 -3.46
CA VAL A 460 8.65 13.43 -3.63
C VAL A 460 8.02 14.81 -3.47
N ARG A 461 8.61 15.69 -2.68
CA ARG A 461 8.08 17.07 -2.56
C ARG A 461 9.09 18.16 -2.90
N ALA A 462 10.16 18.17 -2.15
CA ALA A 462 11.21 19.16 -2.29
C ALA A 462 12.49 18.49 -1.88
N SER A 463 13.55 19.26 -1.89
CA SER A 463 14.79 18.73 -1.42
C SER A 463 15.75 19.87 -1.38
N LYS A 464 16.69 19.74 -0.47
CA LYS A 464 17.71 20.75 -0.27
C LYS A 464 18.67 20.73 -1.44
N SER A 465 18.78 19.57 -2.09
CA SER A 465 19.81 19.37 -3.08
C SER A 465 19.28 18.56 -4.26
N GLY A 466 19.92 18.72 -5.40
CA GLY A 466 19.67 17.87 -6.57
C GLY A 466 19.86 16.40 -6.23
N GLU A 467 20.92 16.11 -5.49
CA GLU A 467 21.22 14.73 -5.11
C GLU A 467 20.06 14.08 -4.37
N GLU A 468 19.53 14.77 -3.35
CA GLU A 468 18.40 14.27 -2.61
C GLU A 468 17.15 14.13 -3.48
N TRP A 469 16.93 15.12 -4.33
CA TRP A 469 15.78 15.08 -5.24
C TRP A 469 15.81 13.82 -6.11
N LEU A 470 16.96 13.54 -6.69
CA LEU A 470 17.10 12.38 -7.56
C LEU A 470 16.98 11.08 -6.79
N ARG A 471 17.64 11.00 -5.64
CA ARG A 471 17.51 9.80 -4.79
C ARG A 471 16.04 9.53 -4.42
N ARG A 472 15.32 10.56 -4.04
CA ARG A 472 13.91 10.38 -3.71
C ARG A 472 13.10 9.98 -4.93
N PHE A 473 13.39 10.62 -6.08
CA PHE A 473 12.71 10.29 -7.32
C PHE A 473 12.96 8.84 -7.72
N GLN A 474 14.19 8.36 -7.54
CA GLN A 474 14.56 7.00 -7.89
C GLN A 474 13.78 5.96 -7.10
N SER A 475 13.70 6.15 -5.78
CA SER A 475 12.94 5.16 -4.98
C SER A 475 11.45 5.30 -5.28
N ASN A 476 11.01 6.53 -5.53
CA ASN A 476 9.61 6.77 -5.82
C ASN A 476 9.12 6.05 -7.07
N VAL A 477 9.95 5.97 -8.11
CA VAL A 477 9.49 5.26 -9.33
C VAL A 477 9.51 3.74 -9.17
N PHE A 478 10.09 3.24 -8.08
CA PHE A 478 10.01 1.85 -7.64
C PHE A 478 9.07 1.75 -6.42
N SER A 479 7.85 2.22 -6.62
CA SER A 479 6.85 2.21 -5.57
C SER A 479 5.47 2.19 -6.22
N PRO A 480 4.40 2.10 -5.40
CA PRO A 480 3.06 2.06 -5.96
C PRO A 480 2.66 3.26 -6.78
N MET A 481 3.17 4.44 -6.46
CA MET A 481 2.74 5.61 -7.19
C MET A 481 3.90 6.56 -7.41
N ALA A 482 4.11 6.90 -8.68
CA ALA A 482 5.17 7.81 -9.09
C ALA A 482 4.61 9.21 -9.06
N MET A 483 5.09 10.01 -8.12
CA MET A 483 4.45 11.28 -7.78
C MET A 483 5.39 12.32 -7.22
N ILE A 484 5.24 13.53 -7.73
CA ILE A 484 5.72 14.74 -7.03
C ILE A 484 4.50 15.44 -6.47
N ASN A 485 4.52 15.70 -5.17
CA ASN A 485 3.50 16.49 -4.52
C ASN A 485 4.03 17.90 -4.29
N ALA A 486 3.72 18.81 -5.21
CA ALA A 486 4.26 20.17 -5.15
C ALA A 486 3.25 21.18 -4.66
N TRP A 487 2.35 20.76 -3.78
CA TRP A 487 1.32 21.66 -3.22
C TRP A 487 1.91 22.96 -2.68
N ALA A 488 3.09 22.87 -2.05
CA ALA A 488 3.75 24.04 -1.50
C ALA A 488 5.00 24.45 -2.27
N SER A 489 5.77 23.46 -2.73
CA SER A 489 7.08 23.71 -3.35
C SER A 489 7.02 24.20 -4.79
N GLY A 490 5.92 23.92 -5.51
CA GLY A 490 5.80 24.21 -6.94
C GLY A 490 6.86 23.52 -7.82
N THR A 491 7.52 22.50 -7.30
CA THR A 491 8.56 21.81 -8.07
C THR A 491 7.96 20.96 -9.20
N LYS A 492 8.74 20.77 -10.26
CA LYS A 492 8.45 19.83 -11.33
C LYS A 492 9.64 18.87 -11.42
N PRO A 493 9.52 17.76 -12.16
CA PRO A 493 10.62 16.82 -12.25
C PRO A 493 11.96 17.48 -12.64
N TRP A 494 11.88 18.53 -13.47
CA TRP A 494 13.08 19.20 -14.00
C TRP A 494 13.57 20.38 -13.15
N SER A 495 13.03 20.57 -11.95
CA SER A 495 13.35 21.80 -11.18
C SER A 495 14.78 21.90 -10.64
N TYR A 496 15.52 20.79 -10.60
CA TYR A 496 16.89 20.75 -10.11
C TYR A 496 17.80 20.46 -11.32
N PRO A 497 18.38 21.52 -11.92
CA PRO A 497 19.11 21.36 -13.19
C PRO A 497 20.25 20.35 -13.14
N GLU A 498 20.91 20.24 -11.99
CA GLU A 498 22.02 19.32 -11.89
C GLU A 498 21.66 17.82 -12.07
N VAL A 499 20.40 17.45 -11.82
CA VAL A 499 20.00 16.04 -11.94
C VAL A 499 18.85 15.85 -12.93
N GLU A 500 18.56 16.89 -13.68
CA GLU A 500 17.40 16.95 -14.53
C GLU A 500 17.41 15.82 -15.56
N ALA A 501 18.56 15.58 -16.19
CA ALA A 501 18.69 14.52 -17.19
C ALA A 501 18.36 13.14 -16.59
N ASP A 502 18.91 12.88 -15.42
CA ASP A 502 18.64 11.60 -14.75
C ASP A 502 17.21 11.46 -14.23
N VAL A 503 16.61 12.54 -13.70
CA VAL A 503 15.21 12.48 -13.31
C VAL A 503 14.37 12.06 -14.53
N LYS A 504 14.62 12.70 -15.67
CA LYS A 504 13.87 12.39 -16.88
C LYS A 504 14.03 10.92 -17.25
N LYS A 505 15.24 10.38 -17.14
CA LYS A 505 15.46 8.96 -17.45
C LYS A 505 14.64 8.04 -16.54
N PHE A 506 14.55 8.38 -15.26
CA PHE A 506 13.74 7.57 -14.33
C PHE A 506 12.26 7.74 -14.52
N ALA A 507 11.82 8.94 -14.90
CA ALA A 507 10.41 9.16 -15.23
C ALA A 507 10.03 8.30 -16.44
N LEU A 508 10.89 8.30 -17.46
CA LEU A 508 10.65 7.46 -18.63
C LEU A 508 10.71 5.97 -18.28
N LEU A 509 11.66 5.58 -17.45
CA LEU A 509 11.74 4.21 -16.99
C LEU A 509 10.44 3.76 -16.32
N ARG A 510 9.84 4.63 -15.52
CA ARG A 510 8.56 4.30 -14.90
C ARG A 510 7.54 3.88 -15.95
N MET A 511 7.49 4.61 -17.07
CA MET A 511 6.57 4.28 -18.16
C MET A 511 6.99 2.97 -18.85
N GLN A 512 8.27 2.82 -19.16
CA GLN A 512 8.75 1.61 -19.82
C GLN A 512 8.40 0.35 -19.02
N MET A 513 8.49 0.47 -17.70
CA MET A 513 8.18 -0.61 -16.78
C MET A 513 6.71 -0.85 -16.50
N MET A 514 5.81 -0.07 -17.09
CA MET A 514 4.38 -0.25 -16.85
C MET A 514 3.89 -1.71 -16.95
N PRO A 515 4.35 -2.46 -17.96
CA PRO A 515 3.83 -3.85 -18.05
C PRO A 515 4.30 -4.71 -16.88
N TYR A 516 5.49 -4.42 -16.36
CA TYR A 516 5.98 -5.07 -15.17
C TYR A 516 5.14 -4.71 -13.93
N TRP A 517 4.93 -3.41 -13.71
CA TRP A 517 4.17 -2.96 -12.54
C TRP A 517 2.73 -3.45 -12.65
N TYR A 518 2.17 -3.38 -13.85
CA TYR A 518 0.78 -3.80 -14.03
C TYR A 518 0.58 -5.29 -13.72
N SER A 519 1.51 -6.13 -14.17
CA SER A 519 1.46 -7.55 -13.84
C SER A 519 1.66 -7.82 -12.34
N ALA A 520 2.56 -7.08 -11.68
CA ALA A 520 2.68 -7.18 -10.23
C ALA A 520 1.37 -6.80 -9.54
N PHE A 521 0.75 -5.71 -9.96
CA PHE A 521 -0.52 -5.32 -9.34
C PHE A 521 -1.61 -6.32 -9.63
N ALA A 522 -1.55 -6.97 -10.79
CA ALA A 522 -2.52 -8.03 -11.08
C ALA A 522 -2.32 -9.19 -10.11
N ARG A 523 -1.08 -9.53 -9.78
CA ARG A 523 -0.84 -10.57 -8.77
C ARG A 523 -1.39 -10.16 -7.41
N TYR A 524 -1.33 -8.87 -7.12
CA TYR A 524 -1.87 -8.32 -5.87
C TYR A 524 -3.37 -8.53 -5.82
N HIS A 525 -4.03 -8.26 -6.93
CA HIS A 525 -5.48 -8.41 -6.97
C HIS A 525 -5.91 -9.88 -6.98
N PHE A 526 -5.31 -10.67 -7.85
CA PHE A 526 -5.78 -12.05 -8.08
C PHE A 526 -5.28 -13.05 -7.05
N GLU A 527 -4.13 -12.78 -6.46
CA GLU A 527 -3.47 -13.72 -5.57
C GLU A 527 -3.14 -13.16 -4.21
N GLY A 528 -3.32 -11.86 -3.99
CA GLY A 528 -3.00 -11.25 -2.69
C GLY A 528 -1.53 -10.91 -2.49
N MET A 529 -0.74 -11.03 -3.56
CA MET A 529 0.71 -10.84 -3.48
C MET A 529 1.06 -9.36 -3.40
N PRO A 530 1.56 -8.89 -2.25
CA PRO A 530 1.92 -7.47 -2.21
C PRO A 530 3.04 -7.16 -3.22
N PRO A 531 2.88 -6.07 -3.98
CA PRO A 531 3.87 -5.77 -5.02
C PRO A 531 5.20 -5.23 -4.48
N PHE A 532 5.18 -4.69 -3.26
CA PHE A 532 6.38 -4.22 -2.60
C PHE A 532 6.44 -4.86 -1.24
N ARG A 533 7.57 -5.49 -0.94
CA ARG A 533 7.66 -6.21 0.33
C ARG A 533 9.08 -6.38 0.79
N GLY A 534 9.19 -6.77 2.05
CA GLY A 534 10.48 -6.93 2.69
C GLY A 534 11.21 -8.19 2.23
N MET A 535 12.48 -8.26 2.61
CA MET A 535 13.32 -9.42 2.34
C MET A 535 12.82 -10.63 3.13
N GLY A 536 13.15 -11.83 2.64
CA GLY A 536 12.42 -13.05 2.96
C GLY A 536 11.37 -13.22 1.88
N LEU A 537 10.20 -13.71 2.27
CA LEU A 537 9.00 -13.59 1.46
C LEU A 537 9.16 -14.01 0.01
N SER A 565 18.43 -13.58 9.43
CA SER A 565 18.65 -13.34 10.85
C SER A 565 18.55 -11.86 11.20
N LYS A 566 19.35 -11.03 10.53
CA LYS A 566 19.39 -9.59 10.81
C LYS A 566 18.22 -8.88 10.12
N GLU A 567 17.81 -7.77 10.71
CA GLU A 567 16.75 -6.94 10.17
C GLU A 567 17.27 -6.17 8.96
N ILE A 568 16.52 -6.16 7.87
CA ILE A 568 16.85 -5.34 6.71
C ILE A 568 15.73 -4.33 6.49
N LYS A 569 16.03 -3.06 6.76
CA LYS A 569 15.04 -1.99 6.72
C LYS A 569 15.22 -1.10 5.52
N ASP A 570 16.13 -1.45 4.61
CA ASP A 570 16.47 -0.55 3.50
C ASP A 570 16.62 -1.25 2.16
N GLN A 571 16.00 -2.43 2.04
CA GLN A 571 15.90 -3.13 0.77
C GLN A 571 14.49 -3.67 0.68
N TYR A 572 13.97 -3.74 -0.54
CA TYR A 572 12.67 -4.34 -0.75
C TYR A 572 12.58 -5.00 -2.10
N MET A 573 11.67 -5.99 -2.17
CA MET A 573 11.31 -6.60 -3.44
C MET A 573 10.25 -5.72 -4.08
N ALA A 574 10.41 -5.52 -5.37
CA ALA A 574 9.47 -4.76 -6.16
C ALA A 574 9.05 -5.69 -7.30
N GLY A 575 7.80 -6.12 -7.29
CA GLY A 575 7.40 -7.26 -8.11
C GLY A 575 8.10 -8.53 -7.68
N ASP A 576 8.05 -9.56 -8.50
CA ASP A 576 8.69 -10.82 -8.11
C ASP A 576 10.17 -10.90 -8.37
N ASP A 577 10.69 -10.07 -9.29
CA ASP A 577 12.01 -10.26 -9.88
C ASP A 577 13.12 -9.28 -9.40
N LEU A 578 12.73 -8.16 -8.79
CA LEU A 578 13.64 -7.05 -8.52
C LEU A 578 13.86 -6.78 -7.04
N LEU A 579 15.11 -6.69 -6.67
CA LEU A 579 15.53 -6.33 -5.33
C LEU A 579 16.01 -4.89 -5.45
N VAL A 580 15.35 -3.98 -4.74
CA VAL A 580 15.70 -2.57 -4.79
C VAL A 580 16.38 -2.20 -3.48
N ALA A 581 17.49 -1.48 -3.58
CA ALA A 581 18.29 -1.08 -2.45
C ALA A 581 18.62 0.41 -2.57
N PRO A 582 17.69 1.27 -2.13
CA PRO A 582 17.84 2.70 -2.32
C PRO A 582 19.10 3.32 -1.71
N MET A 583 19.61 4.33 -2.42
CA MET A 583 20.64 5.22 -1.90
C MET A 583 19.99 6.43 -1.26
N PHE A 584 20.64 6.94 -0.21
CA PHE A 584 20.19 8.13 0.46
C PHE A 584 21.19 9.26 0.26
N ALA A 585 20.68 10.49 0.24
CA ALA A 585 21.52 11.67 0.04
C ALA A 585 22.67 11.68 1.04
N GLY A 586 23.86 12.01 0.54
CA GLY A 586 25.06 12.03 1.36
C GLY A 586 25.87 10.74 1.32
N GLU A 587 25.30 9.66 0.78
CA GLU A 587 25.97 8.38 0.70
C GLU A 587 26.58 8.19 -0.67
N LYS A 588 27.82 7.75 -0.72
CA LYS A 588 28.42 7.33 -2.00
C LYS A 588 28.29 5.81 -2.19
N SER A 589 28.21 5.07 -1.09
CA SER A 589 28.11 3.63 -1.22
CA SER A 589 28.20 3.62 -1.15
C SER A 589 27.19 3.06 -0.18
N ARG A 590 26.77 1.82 -0.42
CA ARG A 590 25.98 1.09 0.54
C ARG A 590 26.23 -0.42 0.43
N LYS A 591 25.80 -1.14 1.45
CA LYS A 591 25.84 -2.58 1.42
C LYS A 591 24.50 -3.08 0.88
N VAL A 592 24.55 -4.15 0.10
CA VAL A 592 23.36 -4.85 -0.38
C VAL A 592 23.48 -6.31 -0.01
N VAL A 593 22.49 -6.82 0.72
CA VAL A 593 22.43 -8.21 1.11
C VAL A 593 21.60 -8.97 0.07
N LEU A 594 22.27 -9.85 -0.68
CA LEU A 594 21.61 -10.66 -1.67
C LEU A 594 21.19 -12.00 -1.08
N PRO A 595 19.91 -12.39 -1.26
CA PRO A 595 19.47 -13.75 -0.94
C PRO A 595 20.25 -14.80 -1.72
N LYS A 596 20.19 -16.05 -1.26
CA LYS A 596 20.79 -17.15 -2.02
C LYS A 596 20.19 -17.22 -3.41
N GLY A 597 20.96 -17.73 -4.36
CA GLY A 597 20.59 -17.65 -5.76
C GLY A 597 21.38 -16.53 -6.41
N LYS A 598 21.59 -16.64 -7.72
CA LYS A 598 22.35 -15.64 -8.44
C LYS A 598 21.51 -14.40 -8.72
N TRP A 599 22.16 -13.25 -8.71
CA TRP A 599 21.53 -11.98 -8.98
C TRP A 599 22.35 -11.19 -9.98
N TYR A 600 21.64 -10.39 -10.76
CA TYR A 600 22.17 -9.67 -11.88
C TYR A 600 21.85 -8.20 -11.80
N ASP A 601 22.81 -7.38 -12.20
CA ASP A 601 22.61 -5.94 -12.23
C ASP A 601 21.50 -5.57 -13.18
N PHE A 602 20.53 -4.79 -12.69
CA PHE A 602 19.40 -4.33 -13.47
C PHE A 602 19.78 -3.55 -14.71
N TYR A 603 20.88 -2.78 -14.64
CA TYR A 603 21.23 -1.89 -15.74
C TYR A 603 22.09 -2.57 -16.79
N THR A 604 23.07 -3.33 -16.33
CA THR A 604 24.06 -3.93 -17.22
C THR A 604 23.85 -5.42 -17.48
N GLY A 605 23.06 -6.08 -16.63
CA GLY A 605 22.88 -7.52 -16.75
C GLY A 605 23.99 -8.36 -16.14
N GLU A 606 25.07 -7.73 -15.68
CA GLU A 606 26.24 -8.46 -15.21
C GLU A 606 25.96 -9.14 -13.89
N TYR A 607 26.51 -10.33 -13.72
CA TYR A 607 26.44 -11.07 -12.46
C TYR A 607 26.83 -10.13 -11.32
N ALA A 608 26.01 -10.11 -10.28
CA ALA A 608 26.26 -9.28 -9.09
C ALA A 608 26.70 -10.11 -7.91
N GLY A 609 26.10 -11.28 -7.73
CA GLY A 609 26.43 -12.11 -6.58
C GLY A 609 25.36 -13.14 -6.25
N ASP A 610 25.55 -13.82 -5.13
CA ASP A 610 24.75 -14.97 -4.75
C ASP A 610 24.88 -15.20 -3.27
N GLY A 611 23.79 -15.00 -2.52
CA GLY A 611 23.79 -15.27 -1.10
C GLY A 611 24.97 -14.63 -0.40
N GLU A 612 25.13 -13.32 -0.59
CA GLU A 612 26.30 -12.60 -0.07
C GLU A 612 26.01 -11.10 0.05
N VAL A 613 26.91 -10.39 0.72
CA VAL A 613 26.84 -8.95 0.88
C VAL A 613 27.77 -8.27 -0.11
N LEU A 614 27.24 -7.32 -0.86
CA LEU A 614 28.02 -6.49 -1.78
C LEU A 614 28.23 -5.10 -1.20
N ASP A 615 29.38 -4.49 -1.48
CA ASP A 615 29.55 -3.04 -1.25
C ASP A 615 29.44 -2.39 -2.59
N VAL A 616 28.46 -1.48 -2.74
CA VAL A 616 28.11 -0.92 -4.04
C VAL A 616 28.25 0.61 -4.02
N THR A 617 28.84 1.14 -5.08
CA THR A 617 29.02 2.55 -5.32
C THR A 617 28.35 2.80 -6.66
N PRO A 618 27.03 3.09 -6.63
CA PRO A 618 26.29 3.08 -7.88
C PRO A 618 26.45 4.32 -8.72
N GLY A 619 26.91 5.42 -8.13
CA GLY A 619 26.85 6.71 -8.79
C GLY A 619 25.49 7.35 -8.55
N LEU A 620 25.39 8.65 -8.83
CA LEU A 620 24.14 9.37 -8.64
C LEU A 620 23.06 8.92 -9.64
N ASP A 621 23.49 8.45 -10.81
CA ASP A 621 22.59 8.15 -11.92
C ASP A 621 21.87 6.79 -11.81
N LYS A 622 22.18 6.01 -10.78
CA LYS A 622 21.57 4.68 -10.61
C LYS A 622 21.08 4.46 -9.19
N ILE A 623 19.88 3.91 -9.08
CA ILE A 623 19.45 3.29 -7.84
C ILE A 623 19.84 1.82 -7.94
N PRO A 624 20.52 1.29 -6.92
CA PRO A 624 20.84 -0.14 -6.94
C PRO A 624 19.62 -1.04 -7.04
N VAL A 625 19.58 -1.77 -8.14
CA VAL A 625 18.51 -2.75 -8.39
C VAL A 625 19.14 -4.00 -8.92
N TYR A 626 18.72 -5.16 -8.39
CA TYR A 626 19.24 -6.46 -8.82
C TYR A 626 18.12 -7.35 -9.24
N VAL A 627 18.38 -8.20 -10.24
CA VAL A 627 17.34 -9.05 -10.81
C VAL A 627 17.68 -10.48 -10.53
N ARG A 628 16.69 -11.27 -10.09
CA ARG A 628 16.90 -12.68 -9.82
CA ARG A 628 16.97 -12.66 -9.79
C ARG A 628 17.32 -13.41 -11.08
N ASP A 629 18.00 -14.54 -10.91
CA ASP A 629 18.43 -15.36 -12.04
C ASP A 629 17.18 -15.80 -12.78
N GLY A 630 17.15 -15.59 -14.10
CA GLY A 630 16.00 -15.93 -14.91
C GLY A 630 14.90 -14.87 -14.88
N GLY A 631 15.15 -13.78 -14.16
CA GLY A 631 14.14 -12.76 -14.00
C GLY A 631 13.90 -12.01 -15.29
N ILE A 632 12.64 -11.61 -15.46
CA ILE A 632 12.13 -11.01 -16.66
C ILE A 632 11.43 -9.69 -16.33
N VAL A 633 11.80 -8.65 -17.07
CA VAL A 633 11.15 -7.35 -16.97
C VAL A 633 10.67 -6.95 -18.36
N PRO A 634 9.36 -7.06 -18.61
CA PRO A 634 8.84 -6.61 -19.89
C PRO A 634 8.82 -5.10 -19.92
N MET A 635 9.32 -4.52 -21.01
CA MET A 635 9.38 -3.06 -21.15
C MET A 635 8.59 -2.64 -22.37
N MET A 636 7.73 -1.67 -22.18
CA MET A 636 7.06 -1.03 -23.30
C MET A 636 7.88 0.21 -23.70
N PRO A 637 7.51 0.88 -24.80
CA PRO A 637 8.28 2.08 -25.15
C PRO A 637 8.11 3.19 -24.12
N ALA A 638 9.03 4.16 -24.15
CA ALA A 638 8.98 5.32 -23.28
C ALA A 638 7.87 6.31 -23.64
N LEU A 639 6.63 5.88 -23.51
CA LEU A 639 5.47 6.69 -23.80
C LEU A 639 5.29 7.73 -22.73
N LEU A 640 4.78 8.89 -23.11
CA LEU A 640 4.53 9.95 -22.14
C LEU A 640 3.20 9.82 -21.42
N ASN A 641 2.35 8.92 -21.90
CA ASN A 641 1.00 8.77 -21.40
C ASN A 641 0.70 7.28 -21.46
N SER A 642 -0.03 6.77 -20.48
CA SER A 642 -0.38 5.34 -20.46
C SER A 642 -1.15 5.00 -21.73
N PRO A 643 -0.93 3.79 -22.28
CA PRO A 643 -1.63 3.45 -23.51
C PRO A 643 -3.10 3.17 -23.28
N LYS A 644 -3.91 3.45 -24.28
CA LYS A 644 -5.36 3.25 -24.20
C LYS A 644 -5.73 1.80 -24.46
N SER A 645 -6.96 1.43 -24.08
CA SER A 645 -7.45 0.05 -24.19
C SER A 645 -7.42 -0.49 -25.62
N ASN A 646 -7.51 0.38 -26.60
CA ASN A 646 -7.56 -0.05 -28.00
C ASN A 646 -6.22 0.06 -28.69
N GLN A 647 -5.15 0.16 -27.92
CA GLN A 647 -3.82 0.43 -28.43
C GLN A 647 -2.94 -0.78 -28.20
N LYS A 648 -2.23 -1.22 -29.22
CA LYS A 648 -1.22 -2.23 -29.04
C LYS A 648 0.12 -1.56 -28.73
N VAL A 649 0.90 -2.22 -27.87
CA VAL A 649 2.16 -1.70 -27.44
C VAL A 649 3.21 -2.78 -27.64
N ASP A 650 4.32 -2.43 -28.27
CA ASP A 650 5.42 -3.34 -28.42
C ASP A 650 6.11 -3.57 -27.10
N LEU A 651 6.66 -4.77 -26.92
CA LEU A 651 7.34 -5.12 -25.69
C LEU A 651 8.74 -5.63 -25.98
N GLU A 652 9.71 -5.15 -25.19
CA GLU A 652 11.03 -5.74 -25.13
C GLU A 652 11.13 -6.52 -23.85
N ILE A 653 11.33 -7.83 -23.96
CA ILE A 653 11.42 -8.70 -22.80
C ILE A 653 12.88 -8.77 -22.34
N ARG A 654 13.17 -8.07 -21.25
CA ARG A 654 14.53 -8.06 -20.71
C ARG A 654 14.71 -9.25 -19.78
N TYR A 655 15.55 -10.18 -20.20
CA TYR A 655 15.76 -11.44 -19.50
C TYR A 655 17.15 -11.43 -18.90
N TYR A 656 17.23 -11.72 -17.62
CA TYR A 656 18.47 -11.65 -16.85
C TYR A 656 18.97 -13.02 -16.43
N GLY A 657 20.29 -13.18 -16.45
CA GLY A 657 20.93 -14.36 -15.92
C GLY A 657 20.90 -15.52 -16.93
N ASN A 658 20.89 -16.74 -16.40
CA ASN A 658 20.92 -17.96 -17.24
C ASN A 658 19.89 -19.04 -16.91
N LYS A 659 19.31 -18.98 -15.72
CA LYS A 659 18.21 -19.86 -15.38
C LYS A 659 17.03 -19.59 -16.33
N PRO A 660 16.40 -20.64 -16.87
CA PRO A 660 15.21 -20.38 -17.68
C PRO A 660 14.18 -19.58 -16.89
N GLY A 661 13.59 -18.60 -17.56
CA GLY A 661 12.69 -17.65 -16.90
C GLY A 661 11.27 -17.84 -17.37
N GLU A 662 10.34 -17.44 -16.52
CA GLU A 662 8.93 -17.53 -16.83
C GLU A 662 8.27 -16.34 -16.21
N PHE A 663 7.52 -15.59 -16.99
CA PHE A 663 6.85 -14.37 -16.51
C PHE A 663 5.42 -14.43 -17.00
N LYS A 664 4.47 -14.12 -16.14
CA LYS A 664 3.05 -14.06 -16.52
C LYS A 664 2.66 -12.61 -16.68
N LEU A 665 2.46 -12.20 -17.92
CA LEU A 665 2.09 -10.86 -18.27
C LEU A 665 0.57 -10.75 -18.24
N TYR A 666 0.07 -9.85 -17.42
CA TYR A 666 -1.36 -9.60 -17.32
C TYR A 666 -1.78 -8.61 -18.41
N ASP A 667 -2.91 -8.88 -19.05
CA ASP A 667 -3.43 -7.98 -20.07
C ASP A 667 -4.96 -7.92 -20.01
N ASP A 668 -5.48 -6.70 -20.02
CA ASP A 668 -6.90 -6.43 -20.14
C ASP A 668 -7.08 -4.97 -20.59
N ASP A 669 -8.28 -4.40 -20.46
CA ASP A 669 -8.50 -3.05 -20.98
C ASP A 669 -7.84 -1.93 -20.18
N GLY A 670 -7.36 -2.26 -18.98
CA GLY A 670 -6.60 -1.33 -18.16
C GLY A 670 -7.42 -0.23 -17.51
N GLU A 671 -8.74 -0.30 -17.59
CA GLU A 671 -9.55 0.84 -17.13
C GLU A 671 -10.96 0.61 -16.62
N THR A 672 -11.59 -0.53 -16.97
CA THR A 672 -12.93 -0.81 -16.49
C THR A 672 -12.93 -2.01 -15.60
N PHE A 673 -14.11 -2.39 -15.16
CA PHE A 673 -14.28 -3.64 -14.44
C PHE A 673 -14.71 -4.82 -15.31
N ASN A 674 -14.49 -4.73 -16.63
CA ASN A 674 -14.81 -5.86 -17.52
C ASN A 674 -14.03 -7.12 -17.14
N TYR A 675 -12.84 -6.95 -16.54
CA TYR A 675 -12.09 -8.11 -16.09
C TYR A 675 -12.88 -8.99 -15.13
N GLU A 676 -13.81 -8.41 -14.39
CA GLU A 676 -14.61 -9.20 -13.46
C GLU A 676 -15.50 -10.17 -14.21
N LYS A 677 -15.84 -9.84 -15.45
CA LYS A 677 -16.63 -10.71 -16.30
C LYS A 677 -15.77 -11.66 -17.14
N GLY A 678 -14.46 -11.65 -16.89
CA GLY A 678 -13.56 -12.60 -17.53
C GLY A 678 -12.79 -12.02 -18.69
N ASP A 679 -12.94 -10.74 -18.99
CA ASP A 679 -12.18 -10.13 -20.09
C ASP A 679 -10.79 -9.71 -19.64
N PHE A 680 -9.93 -10.69 -19.50
CA PHE A 680 -8.52 -10.51 -19.21
C PHE A 680 -7.78 -11.77 -19.61
N SER A 681 -6.46 -11.68 -19.62
CA SER A 681 -5.58 -12.77 -20.03
C SER A 681 -4.29 -12.71 -19.23
N TRP A 682 -3.71 -13.87 -18.98
CA TRP A 682 -2.33 -13.97 -18.53
C TRP A 682 -1.54 -14.57 -19.67
N ARG A 683 -0.58 -13.82 -20.21
CA ARG A 683 0.26 -14.30 -21.32
C ARG A 683 1.56 -14.77 -20.71
N THR A 684 1.87 -16.05 -20.85
CA THR A 684 3.07 -16.64 -20.29
C THR A 684 4.22 -16.37 -21.21
N ILE A 685 5.26 -15.77 -20.65
CA ILE A 685 6.48 -15.52 -21.36
C ILE A 685 7.56 -16.41 -20.79
N ARG A 686 8.29 -17.09 -21.67
CA ARG A 686 9.40 -17.94 -21.26
C ARG A 686 10.65 -17.54 -22.02
N VAL A 687 11.78 -17.52 -21.33
CA VAL A 687 13.03 -17.11 -21.96
C VAL A 687 14.18 -17.91 -21.40
N GLU A 688 15.14 -18.25 -22.25
CA GLU A 688 16.39 -18.80 -21.80
C GLU A 688 17.43 -18.53 -22.87
N LYS A 689 18.66 -18.98 -22.67
CA LYS A 689 19.63 -18.95 -23.76
C LYS A 689 19.82 -20.33 -24.30
N ASP A 690 19.97 -20.43 -25.62
CA ASP A 690 20.20 -21.74 -26.26
C ASP A 690 21.68 -22.13 -26.09
N LYS A 691 22.05 -23.26 -26.69
CA LYS A 691 23.43 -23.76 -26.62
C LYS A 691 24.45 -22.67 -27.01
N SER A 692 24.18 -21.93 -28.07
CA SER A 692 25.09 -20.87 -28.52
C SER A 692 25.18 -19.66 -27.59
N GLY A 693 24.36 -19.61 -26.54
CA GLY A 693 24.29 -18.44 -25.68
C GLY A 693 23.35 -17.38 -26.24
N LYS A 694 22.60 -17.72 -27.29
CA LYS A 694 21.66 -16.78 -27.90
C LYS A 694 20.30 -16.90 -27.24
N VAL A 695 19.63 -15.77 -27.10
CA VAL A 695 18.36 -15.72 -26.38
C VAL A 695 17.30 -16.45 -27.20
N LYS A 696 16.44 -17.16 -26.48
CA LYS A 696 15.30 -17.82 -27.08
C LYS A 696 14.11 -17.54 -26.20
N GLY A 697 13.05 -17.01 -26.79
CA GLY A 697 11.88 -16.63 -26.04
C GLY A 697 10.57 -17.06 -26.68
N SER A 698 9.55 -17.22 -25.86
CA SER A 698 8.20 -17.44 -26.37
C SER A 698 7.23 -16.63 -25.55
N ILE A 699 6.07 -16.37 -26.14
CA ILE A 699 4.94 -15.84 -25.43
C ILE A 699 3.74 -16.66 -25.85
N SER A 700 2.92 -17.03 -24.89
CA SER A 700 1.70 -17.78 -25.18
C SER A 700 0.75 -17.01 -26.08
N ALA A 701 -0.10 -17.73 -26.81
CA ALA A 701 -0.93 -17.07 -27.81
C ALA A 701 -2.03 -16.26 -27.15
N ALA A 702 -2.41 -15.16 -27.81
CA ALA A 702 -3.51 -14.34 -27.37
C ALA A 702 -4.76 -15.21 -27.27
N VAL A 703 -5.63 -14.91 -26.31
CA VAL A 703 -6.81 -15.74 -26.05
C VAL A 703 -7.98 -15.20 -26.84
N LYS A 704 -8.69 -16.08 -27.54
CA LYS A 704 -9.76 -15.65 -28.41
C LYS A 704 -10.84 -14.91 -27.62
N GLY A 705 -11.26 -13.77 -28.15
CA GLY A 705 -12.34 -12.97 -27.56
C GLY A 705 -11.90 -11.99 -26.48
N LYS A 706 -10.63 -12.06 -26.05
CA LYS A 706 -10.16 -11.18 -24.97
C LYS A 706 -9.41 -9.98 -25.51
N VAL A 707 -9.33 -8.94 -24.71
CA VAL A 707 -8.50 -7.78 -25.00
C VAL A 707 -7.07 -8.22 -25.27
N ASN A 708 -6.46 -7.62 -26.28
CA ASN A 708 -5.05 -7.90 -26.55
C ASN A 708 -4.36 -6.61 -26.89
N THR A 709 -3.55 -6.12 -25.95
CA THR A 709 -2.77 -4.91 -26.17
C THR A 709 -1.30 -5.19 -26.45
N VAL A 710 -0.96 -6.46 -26.63
CA VAL A 710 0.44 -6.82 -26.88
C VAL A 710 0.74 -6.72 -28.36
N GLY A 711 1.71 -5.87 -28.68
CA GLY A 711 2.21 -5.69 -30.02
C GLY A 711 3.34 -6.64 -30.35
N LYS A 712 4.36 -6.11 -31.00
CA LYS A 712 5.51 -6.89 -31.37
C LYS A 712 6.31 -7.20 -30.11
N VAL A 713 6.76 -8.44 -29.96
CA VAL A 713 7.52 -8.85 -28.79
C VAL A 713 8.91 -9.25 -29.19
N THR A 714 9.91 -8.60 -28.60
CA THR A 714 11.30 -8.93 -28.83
C THR A 714 11.93 -9.35 -27.51
N PHE A 715 12.98 -10.16 -27.60
CA PHE A 715 13.64 -10.73 -26.43
C PHE A 715 15.08 -10.29 -26.36
N THR A 716 15.52 -9.92 -25.17
CA THR A 716 16.88 -9.46 -24.96
C THR A 716 17.46 -10.16 -23.77
N ALA A 717 18.56 -10.87 -24.00
CA ALA A 717 19.34 -11.44 -22.91
C ALA A 717 20.28 -10.38 -22.36
N MET A 718 20.01 -9.92 -21.14
CA MET A 718 20.78 -8.82 -20.56
C MET A 718 22.15 -9.28 -20.09
N THR A 719 22.27 -10.57 -19.77
CA THR A 719 23.53 -11.10 -19.24
C THR A 719 24.36 -11.66 -20.39
N LYS A 720 25.35 -10.89 -20.81
CA LYS A 720 26.25 -11.27 -21.89
C LYS A 720 27.20 -12.34 -21.40
#